data_3FCT
#
_entry.id   3FCT
#
_cell.length_a   134.290
_cell.length_b   100.689
_cell.length_c   73.537
_cell.angle_alpha   90.00
_cell.angle_beta   90.00
_cell.angle_gamma   90.00
#
_symmetry.space_group_name_H-M   'P 21 21 2'
#
loop_
_entity.id
_entity.type
_entity.pdbx_description
1 polymer 'PROTEIN (METAL CHELATASE CATALYTIC ANTIBODY)'
2 polymer 'PROTEIN (METAL CHELATASE CATALYTIC ANTIBODY)'
3 non-polymer 'CADMIUM ION'
4 non-polymer 'CALCIUM ION'
5 non-polymer 'MAGNESIUM ION'
6 non-polymer 'SODIUM ION'
7 non-polymer N-METHYLMESOPORPHYRIN
8 water water
#
loop_
_entity_poly.entity_id
_entity_poly.type
_entity_poly.pdbx_seq_one_letter_code
_entity_poly.pdbx_strand_id
1 'polypeptide(L)'
;ELVMTQTPKFMSTTVGDRVSITCKASQNVGTPVAWYQQKPGQSPKLLIYSASNRYTGVPDRFTGSGSGTDFTLTISNMQS
EDLADYFCQQYSSYPLTFGGGTKVEIKRTVAAPSVFIFPPSDEQLKSGTASVVCLLNNFYPREAKVQWKVDNALQSGNSQ
ESVTEQDSKDSTYSLSSTLTLSKADYEKHKVYACEVTHQGLSSPVTKSFNRNE
;
A,C
2 'polypeptide(L)'
;QVQLLESGAELVKPGASVKLSCKASGYTFTSYWMHWVKQRPGRGLEWIGMIDPNSGGTKYNEKFKSKATLTVDKPSNTAY
MQLSSLTSEDSAVYYCTRRDMDYWGAGTTVTVSSASTKGPSVFPLAPSSKSTSGGTAALGCLVKDYFPEPVTVSWNSGAL
TSGVHTFPAVLQSSGLYSLSSVVTVPSSSLGTQTYICNVNHKPSNTKVDKKIVPKS
;
B,D
#
loop_
_chem_comp.id
_chem_comp.type
_chem_comp.name
_chem_comp.formula
CA non-polymer 'CALCIUM ION' 'Ca 2'
CD non-polymer 'CADMIUM ION' 'Cd 2'
MG non-polymer 'MAGNESIUM ION' 'Mg 2'
MMP non-polymer N-METHYLMESOPORPHYRIN 'C35 H40 N4 O4'
NA non-polymer 'SODIUM ION' 'Na 1'
#
# COMPACT_ATOMS: atom_id res chain seq x y z
N GLU A 1 -7.98 23.90 -0.98
CA GLU A 1 -8.71 22.64 -0.63
C GLU A 1 -8.77 21.66 -1.80
N LEU A 2 -8.39 22.13 -2.99
CA LEU A 2 -8.45 21.28 -4.17
C LEU A 2 -9.92 21.03 -4.41
N VAL A 3 -10.62 22.10 -4.79
CA VAL A 3 -12.04 22.05 -5.05
C VAL A 3 -12.31 21.40 -6.40
N MET A 4 -13.29 20.50 -6.42
CA MET A 4 -13.68 19.81 -7.64
C MET A 4 -14.98 20.48 -8.12
N THR A 5 -14.91 21.16 -9.25
CA THR A 5 -16.08 21.84 -9.77
C THR A 5 -16.74 20.95 -10.83
N GLN A 6 -17.94 20.49 -10.52
CA GLN A 6 -18.67 19.61 -11.42
C GLN A 6 -19.79 20.29 -12.19
N THR A 7 -19.89 19.95 -13.46
CA THR A 7 -20.92 20.53 -14.31
C THR A 7 -21.35 19.52 -15.38
N PRO A 8 -22.61 19.59 -15.85
CA PRO A 8 -23.64 20.55 -15.42
C PRO A 8 -24.28 20.11 -14.09
N LYS A 9 -25.19 20.91 -13.55
CA LYS A 9 -25.87 20.51 -12.31
C LYS A 9 -27.00 19.54 -12.67
N PHE A 10 -27.67 19.85 -13.78
CA PHE A 10 -28.78 19.05 -14.27
C PHE A 10 -28.61 18.73 -15.73
N MET A 11 -29.17 17.59 -16.14
CA MET A 11 -29.11 17.19 -17.54
C MET A 11 -30.21 16.19 -17.74
N SER A 12 -30.87 16.28 -18.88
CA SER A 12 -31.96 15.37 -19.19
C SER A 12 -31.59 14.78 -20.54
N THR A 13 -31.74 13.47 -20.69
CA THR A 13 -31.37 12.83 -21.94
C THR A 13 -32.21 11.61 -22.31
N THR A 14 -32.47 11.45 -23.60
CA THR A 14 -33.26 10.34 -24.13
C THR A 14 -32.54 8.99 -24.03
N VAL A 15 -33.30 7.93 -23.77
CA VAL A 15 -32.71 6.59 -23.71
C VAL A 15 -32.19 6.28 -25.10
N GLY A 16 -30.89 6.08 -25.21
CA GLY A 16 -30.29 5.81 -26.51
C GLY A 16 -29.26 6.87 -26.83
N ASP A 17 -29.40 8.04 -26.20
CA ASP A 17 -28.51 9.18 -26.41
C ASP A 17 -27.33 9.17 -25.43
N ARG A 18 -26.34 10.04 -25.63
CA ARG A 18 -25.17 10.05 -24.77
C ARG A 18 -25.12 11.20 -23.75
N VAL A 19 -24.38 11.00 -22.65
CA VAL A 19 -24.27 12.04 -21.63
C VAL A 19 -22.84 12.22 -21.12
N SER A 20 -22.46 13.47 -20.92
CA SER A 20 -21.13 13.79 -20.43
C SER A 20 -21.16 14.68 -19.20
N ILE A 21 -20.40 14.29 -18.19
CA ILE A 21 -20.30 15.04 -16.95
C ILE A 21 -18.83 15.38 -16.80
N THR A 22 -18.54 16.61 -16.40
CA THR A 22 -17.15 17.07 -16.26
C THR A 22 -16.78 17.64 -14.89
N CYS A 23 -15.55 17.41 -14.47
CA CYS A 23 -15.05 17.96 -13.21
C CYS A 23 -13.73 18.68 -13.43
N LYS A 24 -13.70 19.95 -13.05
CA LYS A 24 -12.52 20.81 -13.20
C LYS A 24 -11.86 20.95 -11.82
N ALA A 25 -10.58 20.62 -11.75
CA ALA A 25 -9.84 20.72 -10.50
C ALA A 25 -9.18 22.09 -10.38
N SER A 26 -9.27 22.68 -9.19
CA SER A 26 -8.66 23.99 -8.97
C SER A 26 -7.13 23.90 -9.10
N GLN A 27 -6.58 22.73 -8.79
CA GLN A 27 -5.14 22.50 -8.88
C GLN A 27 -4.87 21.21 -9.65
N ASN A 28 -3.60 20.88 -9.81
CA ASN A 28 -3.21 19.66 -10.51
C ASN A 28 -3.41 18.47 -9.59
N VAL A 29 -4.08 17.44 -10.08
CA VAL A 29 -4.33 16.23 -9.27
C VAL A 29 -3.68 14.98 -9.85
N GLY A 30 -3.44 14.98 -11.15
CA GLY A 30 -2.83 13.82 -11.78
C GLY A 30 -3.85 12.81 -12.27
N THR A 31 -3.86 11.63 -11.64
CA THR A 31 -4.80 10.58 -12.04
C THR A 31 -5.78 10.08 -10.96
N PRO A 32 -5.48 10.31 -9.68
CA PRO A 32 -6.37 9.86 -8.60
C PRO A 32 -7.73 10.58 -8.53
N VAL A 33 -8.62 10.21 -9.44
CA VAL A 33 -9.96 10.78 -9.50
C VAL A 33 -10.94 9.62 -9.63
N ALA A 34 -12.12 9.77 -9.03
CA ALA A 34 -13.12 8.72 -9.12
C ALA A 34 -14.51 9.27 -9.36
N TRP A 35 -15.46 8.38 -9.62
CA TRP A 35 -16.84 8.76 -9.87
C TRP A 35 -17.80 7.81 -9.17
N TYR A 36 -18.92 8.34 -8.70
CA TYR A 36 -19.94 7.53 -8.03
C TYR A 36 -21.35 7.75 -8.58
N GLN A 37 -22.19 6.74 -8.44
CA GLN A 37 -23.58 6.80 -8.88
C GLN A 37 -24.45 6.61 -7.66
N GLN A 38 -25.48 7.44 -7.54
CA GLN A 38 -26.40 7.33 -6.40
C GLN A 38 -27.83 7.59 -6.85
N LYS A 39 -28.68 6.58 -6.68
CA LYS A 39 -30.09 6.69 -7.04
C LYS A 39 -30.79 7.12 -5.76
N PRO A 40 -32.02 7.62 -5.86
CA PRO A 40 -32.77 8.05 -4.68
C PRO A 40 -32.93 6.96 -3.61
N GLY A 41 -32.66 7.33 -2.36
CA GLY A 41 -32.80 6.39 -1.26
C GLY A 41 -31.66 5.42 -1.00
N GLN A 42 -30.70 5.32 -1.91
CA GLN A 42 -29.60 4.39 -1.70
C GLN A 42 -28.32 5.16 -1.42
N SER A 43 -27.24 4.44 -1.14
CA SER A 43 -25.96 5.10 -0.89
C SER A 43 -25.16 5.10 -2.20
N PRO A 44 -24.09 5.91 -2.26
CA PRO A 44 -23.24 6.02 -3.44
C PRO A 44 -22.56 4.70 -3.80
N LYS A 45 -22.40 4.44 -5.10
CA LYS A 45 -21.74 3.24 -5.57
C LYS A 45 -20.46 3.61 -6.31
N LEU A 46 -19.39 2.86 -6.07
CA LEU A 46 -18.13 3.14 -6.75
C LEU A 46 -18.32 2.77 -8.19
N LEU A 47 -18.04 3.72 -9.07
CA LEU A 47 -18.24 3.54 -10.50
C LEU A 47 -16.91 3.48 -11.26
N ILE A 48 -16.04 4.44 -10.97
CA ILE A 48 -14.73 4.54 -11.61
C ILE A 48 -13.68 5.12 -10.66
N TYR A 49 -12.46 4.62 -10.76
CA TYR A 49 -11.35 5.12 -9.95
C TYR A 49 -10.16 5.26 -10.89
N SER A 50 -9.12 5.95 -10.46
CA SER A 50 -7.95 6.14 -11.31
C SER A 50 -8.33 6.86 -12.61
N ALA A 51 -9.33 7.74 -12.52
CA ALA A 51 -9.81 8.52 -13.65
C ALA A 51 -10.46 7.72 -14.77
N SER A 52 -9.97 6.51 -15.01
CA SER A 52 -10.51 5.69 -16.09
C SER A 52 -10.66 4.22 -15.81
N ASN A 53 -10.35 3.80 -14.59
CA ASN A 53 -10.48 2.39 -14.17
C ASN A 53 -11.93 2.15 -13.74
N ARG A 54 -12.58 1.21 -14.43
CA ARG A 54 -13.99 0.88 -14.21
C ARG A 54 -14.22 -0.27 -13.22
N TYR A 55 -14.64 0.08 -12.01
CA TYR A 55 -14.90 -0.89 -10.95
C TYR A 55 -15.64 -2.12 -11.45
N THR A 56 -15.35 -3.27 -10.85
CA THR A 56 -15.97 -4.53 -11.26
C THR A 56 -17.49 -4.47 -11.21
N GLY A 57 -18.14 -5.08 -12.19
CA GLY A 57 -19.59 -5.08 -12.25
C GLY A 57 -20.18 -3.92 -13.02
N VAL A 58 -19.40 -2.87 -13.22
CA VAL A 58 -19.85 -1.67 -13.93
C VAL A 58 -19.73 -1.83 -15.44
N PRO A 59 -20.85 -1.64 -16.17
CA PRO A 59 -20.91 -1.75 -17.64
C PRO A 59 -19.99 -0.77 -18.38
N ASP A 60 -19.53 -1.17 -19.56
CA ASP A 60 -18.65 -0.33 -20.38
C ASP A 60 -19.39 0.92 -20.88
N ARG A 61 -20.69 0.93 -20.63
CA ARG A 61 -21.56 2.03 -21.00
C ARG A 61 -20.96 3.31 -20.37
N PHE A 62 -20.37 3.12 -19.19
CA PHE A 62 -19.72 4.21 -18.43
C PHE A 62 -18.25 4.21 -18.76
N THR A 63 -17.71 5.40 -18.99
CA THR A 63 -16.30 5.55 -19.30
C THR A 63 -15.78 6.83 -18.69
N GLY A 64 -14.71 6.71 -17.89
CA GLY A 64 -14.08 7.86 -17.25
C GLY A 64 -12.90 8.31 -18.10
N SER A 65 -12.68 9.60 -18.21
CA SER A 65 -11.59 10.11 -19.05
C SER A 65 -10.82 11.29 -18.44
N GLY A 66 -9.90 11.83 -19.22
CA GLY A 66 -9.12 12.98 -18.79
C GLY A 66 -7.96 12.72 -17.86
N SER A 67 -7.16 13.76 -17.65
CA SER A 67 -6.01 13.68 -16.76
C SER A 67 -5.59 15.10 -16.38
N GLY A 68 -4.91 15.24 -15.24
CA GLY A 68 -4.47 16.55 -14.82
C GLY A 68 -5.47 17.33 -13.98
N THR A 69 -6.33 18.10 -14.63
CA THR A 69 -7.32 18.89 -13.91
C THR A 69 -8.66 18.83 -14.64
N ASP A 70 -8.67 18.16 -15.78
CA ASP A 70 -9.89 18.04 -16.56
C ASP A 70 -10.31 16.58 -16.59
N PHE A 71 -11.42 16.26 -15.93
CA PHE A 71 -11.91 14.88 -15.90
C PHE A 71 -13.33 14.80 -16.37
N THR A 72 -13.70 13.68 -16.98
CA THR A 72 -15.04 13.55 -17.50
C THR A 72 -15.64 12.15 -17.41
N LEU A 73 -16.91 12.09 -17.05
CA LEU A 73 -17.62 10.83 -16.98
C LEU A 73 -18.55 10.85 -18.18
N THR A 74 -18.61 9.73 -18.90
CA THR A 74 -19.47 9.65 -20.07
C THR A 74 -20.31 8.40 -20.06
N ILE A 75 -21.59 8.55 -20.38
CA ILE A 75 -22.50 7.43 -20.47
C ILE A 75 -22.77 7.29 -21.95
N SER A 76 -21.95 6.48 -22.62
CA SER A 76 -22.05 6.28 -24.05
C SER A 76 -23.46 5.92 -24.49
N ASN A 77 -24.21 5.27 -23.60
CA ASN A 77 -25.55 4.89 -23.98
C ASN A 77 -26.55 4.90 -22.82
N MET A 78 -27.10 6.08 -22.54
CA MET A 78 -28.09 6.30 -21.49
C MET A 78 -29.22 5.27 -21.50
N GLN A 79 -29.44 4.62 -20.36
CA GLN A 79 -30.50 3.64 -20.28
C GLN A 79 -31.32 3.86 -19.01
N SER A 80 -32.43 3.13 -18.92
CA SER A 80 -33.32 3.21 -17.78
C SER A 80 -32.55 3.03 -16.47
N GLU A 81 -31.60 2.10 -16.45
CA GLU A 81 -30.81 1.81 -15.25
C GLU A 81 -29.82 2.90 -14.85
N ASP A 82 -29.68 3.95 -15.65
CA ASP A 82 -28.71 5.00 -15.35
C ASP A 82 -29.31 6.24 -14.66
N LEU A 83 -30.62 6.20 -14.49
CA LEU A 83 -31.37 7.28 -13.87
C LEU A 83 -30.91 7.46 -12.43
N ALA A 84 -30.13 8.50 -12.19
CA ALA A 84 -29.61 8.74 -10.85
C ALA A 84 -28.75 9.99 -10.81
N ASP A 85 -28.05 10.15 -9.69
CA ASP A 85 -27.12 11.27 -9.45
C ASP A 85 -25.71 10.76 -9.66
N TYR A 86 -24.79 11.68 -9.94
CA TYR A 86 -23.39 11.34 -10.17
C TYR A 86 -22.42 12.30 -9.49
N PHE A 87 -21.44 11.74 -8.82
CA PHE A 87 -20.46 12.53 -8.07
C PHE A 87 -19.03 12.17 -8.46
N CYS A 88 -18.16 13.16 -8.58
CA CYS A 88 -16.77 12.87 -8.90
C CYS A 88 -16.00 13.11 -7.61
N GLN A 89 -14.86 12.46 -7.47
CA GLN A 89 -14.05 12.63 -6.27
C GLN A 89 -12.59 12.75 -6.65
N GLN A 90 -11.79 13.26 -5.74
CA GLN A 90 -10.37 13.45 -5.95
C GLN A 90 -9.63 12.98 -4.70
N TYR A 91 -8.70 12.05 -4.89
CA TYR A 91 -7.95 11.53 -3.75
C TYR A 91 -6.44 11.53 -3.93
N SER A 92 -5.91 12.64 -4.45
CA SER A 92 -4.48 12.76 -4.64
C SER A 92 -3.94 13.52 -3.42
N SER A 93 -4.81 14.32 -2.82
CA SER A 93 -4.43 15.11 -1.65
C SER A 93 -5.53 15.27 -0.60
N TYR A 94 -5.13 15.31 0.67
CA TYR A 94 -6.04 15.48 1.78
C TYR A 94 -6.29 16.96 2.00
N PRO A 95 -7.53 17.34 2.35
CA PRO A 95 -8.70 16.48 2.58
C PRO A 95 -9.36 16.04 1.27
N LEU A 96 -9.95 14.85 1.26
CA LEU A 96 -10.63 14.34 0.07
C LEU A 96 -11.84 15.22 -0.25
N THR A 97 -12.00 15.54 -1.53
CA THR A 97 -13.09 16.38 -1.99
C THR A 97 -14.02 15.70 -2.98
N PHE A 98 -15.29 16.12 -2.97
CA PHE A 98 -16.31 15.60 -3.87
C PHE A 98 -16.75 16.71 -4.81
N GLY A 99 -17.40 16.33 -5.90
CA GLY A 99 -17.92 17.30 -6.84
C GLY A 99 -19.34 17.63 -6.42
N GLY A 100 -19.85 18.78 -6.85
CA GLY A 100 -21.21 19.18 -6.49
C GLY A 100 -22.34 18.26 -6.91
N GLY A 101 -22.05 17.25 -7.74
CA GLY A 101 -23.07 16.33 -8.20
C GLY A 101 -23.83 16.70 -9.46
N THR A 102 -24.53 15.73 -10.05
CA THR A 102 -25.32 15.96 -11.26
C THR A 102 -26.56 15.08 -11.29
N LYS A 103 -27.73 15.71 -11.25
CA LYS A 103 -29.00 15.01 -11.30
C LYS A 103 -29.27 14.66 -12.76
N VAL A 104 -29.02 13.40 -13.10
CA VAL A 104 -29.21 12.88 -14.45
C VAL A 104 -30.59 12.25 -14.63
N GLU A 105 -31.47 12.92 -15.37
CA GLU A 105 -32.83 12.42 -15.61
C GLU A 105 -33.06 11.98 -17.06
N ILE A 106 -34.20 11.37 -17.32
CA ILE A 106 -34.52 10.89 -18.67
C ILE A 106 -35.56 11.70 -19.39
N LYS A 107 -35.34 11.89 -20.68
CA LYS A 107 -36.25 12.65 -21.54
C LYS A 107 -37.05 11.62 -22.35
N ARG A 108 -38.38 11.80 -22.37
CA ARG A 108 -39.25 10.89 -23.12
C ARG A 108 -40.46 11.65 -23.65
N THR A 109 -41.36 10.91 -24.31
CA THR A 109 -42.57 11.48 -24.89
C THR A 109 -43.56 11.86 -23.79
N VAL A 110 -44.43 12.83 -24.09
CA VAL A 110 -45.43 13.31 -23.15
C VAL A 110 -46.43 12.21 -22.80
N ALA A 111 -46.86 12.19 -21.54
CA ALA A 111 -47.84 11.20 -21.08
C ALA A 111 -48.80 11.87 -20.12
N ALA A 112 -50.09 11.63 -20.32
CA ALA A 112 -51.12 12.20 -19.46
C ALA A 112 -51.31 11.40 -18.18
N PRO A 113 -51.47 12.08 -17.05
CA PRO A 113 -51.65 11.44 -15.75
C PRO A 113 -53.03 10.77 -15.59
N SER A 114 -53.09 9.73 -14.78
CA SER A 114 -54.34 9.06 -14.46
C SER A 114 -54.66 9.69 -13.12
N VAL A 115 -55.87 10.19 -12.95
CA VAL A 115 -56.24 10.88 -11.71
C VAL A 115 -57.23 10.19 -10.79
N PHE A 116 -56.90 10.12 -9.51
CA PHE A 116 -57.77 9.51 -8.51
C PHE A 116 -57.95 10.47 -7.32
N ILE A 117 -59.08 10.35 -6.65
CA ILE A 117 -59.38 11.20 -5.50
C ILE A 117 -59.65 10.32 -4.28
N PHE A 118 -59.17 10.77 -3.12
CA PHE A 118 -59.37 10.02 -1.89
C PHE A 118 -60.01 10.85 -0.78
N PRO A 119 -61.26 10.54 -0.41
CA PRO A 119 -61.97 11.27 0.65
C PRO A 119 -61.33 10.91 1.97
N PRO A 120 -61.42 11.79 2.97
CA PRO A 120 -60.81 11.42 4.25
C PRO A 120 -61.42 10.14 4.81
N SER A 121 -60.70 9.49 5.72
CA SER A 121 -61.20 8.26 6.31
C SER A 121 -62.05 8.58 7.53
N ASP A 122 -63.01 7.72 7.84
CA ASP A 122 -63.87 7.96 8.99
C ASP A 122 -62.99 8.15 10.21
N GLU A 123 -61.96 7.31 10.31
CA GLU A 123 -61.03 7.34 11.43
C GLU A 123 -60.44 8.73 11.68
N GLN A 124 -59.87 9.34 10.64
CA GLN A 124 -59.27 10.65 10.81
C GLN A 124 -60.22 11.75 11.26
N LEU A 125 -61.44 11.80 10.72
CA LEU A 125 -62.39 12.85 11.08
C LEU A 125 -62.62 13.05 12.59
N LYS A 126 -62.65 11.98 13.36
CA LYS A 126 -62.84 12.12 14.80
C LYS A 126 -61.58 12.59 15.50
N SER A 127 -60.55 12.95 14.72
CA SER A 127 -59.30 13.43 15.30
C SER A 127 -59.39 14.95 15.34
N GLY A 128 -60.31 15.50 14.55
CA GLY A 128 -60.50 16.93 14.51
C GLY A 128 -60.05 17.59 13.22
N THR A 129 -59.64 16.78 12.25
CA THR A 129 -59.18 17.28 10.95
C THR A 129 -59.48 16.31 9.81
N ALA A 130 -59.39 16.81 8.58
CA ALA A 130 -59.64 15.99 7.41
C ALA A 130 -58.54 16.15 6.36
N SER A 131 -58.25 15.07 5.66
CA SER A 131 -57.25 15.08 4.59
C SER A 131 -57.94 14.61 3.34
N VAL A 132 -57.80 15.37 2.26
CA VAL A 132 -58.41 14.98 1.00
C VAL A 132 -57.21 14.86 0.06
N VAL A 133 -57.01 13.67 -0.50
CA VAL A 133 -55.87 13.42 -1.37
C VAL A 133 -56.18 13.15 -2.83
N CYS A 134 -55.52 13.90 -3.72
CA CYS A 134 -55.69 13.74 -5.14
C CYS A 134 -54.38 13.17 -5.67
N LEU A 135 -54.46 12.17 -6.56
CA LEU A 135 -53.27 11.53 -7.12
C LEU A 135 -53.09 11.60 -8.65
N LEU A 136 -51.91 12.04 -9.08
CA LEU A 136 -51.57 12.11 -10.49
C LEU A 136 -50.52 11.02 -10.76
N ASN A 137 -50.97 9.89 -11.28
CA ASN A 137 -50.07 8.77 -11.54
C ASN A 137 -49.45 8.67 -12.93
N ASN A 138 -48.20 8.23 -12.95
CA ASN A 138 -47.41 8.01 -14.14
C ASN A 138 -47.66 8.98 -15.30
N PHE A 139 -46.99 10.13 -15.27
CA PHE A 139 -47.12 11.12 -16.33
C PHE A 139 -45.77 11.77 -16.60
N TYR A 140 -45.69 12.51 -17.71
CA TYR A 140 -44.47 13.20 -18.11
C TYR A 140 -44.89 14.33 -19.01
N PRO A 141 -44.21 15.49 -18.93
CA PRO A 141 -43.09 15.83 -18.06
C PRO A 141 -43.54 16.15 -16.62
N ARG A 142 -42.56 16.37 -15.75
CA ARG A 142 -42.80 16.65 -14.33
C ARG A 142 -43.84 17.74 -14.09
N GLU A 143 -43.67 18.87 -14.78
CA GLU A 143 -44.56 20.03 -14.66
C GLU A 143 -46.06 19.74 -14.67
N ALA A 144 -46.75 20.19 -13.62
CA ALA A 144 -48.19 19.96 -13.53
C ALA A 144 -48.91 20.95 -12.60
N LYS A 145 -50.17 21.21 -12.91
CA LYS A 145 -50.98 22.14 -12.13
C LYS A 145 -52.23 21.47 -11.61
N VAL A 146 -52.41 21.56 -10.29
CA VAL A 146 -53.56 20.96 -9.63
C VAL A 146 -54.29 21.99 -8.80
N GLN A 147 -55.59 22.15 -9.04
CA GLN A 147 -56.38 23.10 -8.26
C GLN A 147 -57.53 22.38 -7.57
N TRP A 148 -57.88 22.80 -6.37
CA TRP A 148 -58.99 22.18 -5.68
C TRP A 148 -60.25 23.04 -5.75
N LYS A 149 -61.39 22.37 -5.72
CA LYS A 149 -62.67 23.06 -5.77
C LYS A 149 -63.65 22.36 -4.85
N VAL A 150 -64.26 23.12 -3.96
CA VAL A 150 -65.24 22.59 -3.03
C VAL A 150 -66.45 23.49 -3.18
N ASP A 151 -67.60 22.91 -3.47
CA ASP A 151 -68.82 23.69 -3.67
C ASP A 151 -68.51 24.79 -4.69
N ASN A 152 -67.55 24.49 -5.58
CA ASN A 152 -67.10 25.39 -6.63
C ASN A 152 -66.19 26.54 -6.21
N ALA A 153 -65.79 26.56 -4.95
CA ALA A 153 -64.91 27.62 -4.48
C ALA A 153 -63.46 27.16 -4.67
N LEU A 154 -62.69 27.95 -5.37
CA LEU A 154 -61.30 27.62 -5.64
C LEU A 154 -60.46 27.80 -4.37
N GLN A 155 -60.07 26.69 -3.75
CA GLN A 155 -59.28 26.72 -2.52
C GLN A 155 -57.89 27.30 -2.79
N SER A 156 -57.30 27.91 -1.77
CA SER A 156 -55.97 28.47 -1.94
C SER A 156 -55.20 28.51 -0.63
N GLY A 157 -53.96 28.01 -0.66
CA GLY A 157 -53.12 27.99 0.52
C GLY A 157 -53.36 26.84 1.49
N ASN A 158 -54.34 25.99 1.17
CA ASN A 158 -54.67 24.87 2.06
C ASN A 158 -54.25 23.48 1.54
N SER A 159 -53.47 23.44 0.46
CA SER A 159 -53.02 22.17 -0.13
C SER A 159 -51.51 22.10 -0.34
N GLN A 160 -50.93 20.92 -0.13
CA GLN A 160 -49.51 20.70 -0.31
C GLN A 160 -49.25 19.59 -1.34
N GLU A 161 -48.15 19.69 -2.07
CA GLU A 161 -47.85 18.68 -3.09
C GLU A 161 -46.48 18.02 -2.90
N SER A 162 -46.41 16.76 -3.35
CA SER A 162 -45.19 15.98 -3.30
C SER A 162 -45.05 15.24 -4.62
N VAL A 163 -43.83 15.22 -5.17
CA VAL A 163 -43.55 14.56 -6.44
C VAL A 163 -42.44 13.52 -6.34
N THR A 164 -42.73 12.32 -6.82
CA THR A 164 -41.79 11.20 -6.82
C THR A 164 -40.60 11.48 -7.72
N GLU A 165 -39.49 10.82 -7.45
CA GLU A 165 -38.31 10.96 -8.31
C GLU A 165 -38.71 10.18 -9.58
N GLN A 166 -38.03 10.43 -10.69
CA GLN A 166 -38.37 9.76 -11.94
C GLN A 166 -38.26 8.24 -11.82
N ASP A 167 -39.31 7.56 -12.29
CA ASP A 167 -39.40 6.10 -12.23
C ASP A 167 -38.50 5.42 -13.29
N SER A 168 -37.80 4.36 -12.90
CA SER A 168 -36.90 3.64 -13.81
C SER A 168 -37.59 2.76 -14.83
N LYS A 169 -38.74 2.20 -14.48
CA LYS A 169 -39.44 1.33 -15.39
C LYS A 169 -40.23 2.09 -16.46
N ASP A 170 -40.79 3.24 -16.07
CA ASP A 170 -41.62 4.11 -16.92
C ASP A 170 -40.99 5.41 -17.39
N SER A 171 -40.00 5.88 -16.64
CA SER A 171 -39.38 7.17 -16.93
C SER A 171 -40.45 8.23 -16.67
N THR A 172 -41.42 7.93 -15.81
CA THR A 172 -42.47 8.91 -15.50
C THR A 172 -42.42 9.39 -14.06
N TYR A 173 -43.26 10.37 -13.78
CA TYR A 173 -43.37 10.97 -12.47
C TYR A 173 -44.79 10.76 -11.95
N SER A 174 -44.96 10.99 -10.65
CA SER A 174 -46.25 10.87 -9.98
C SER A 174 -46.33 12.02 -9.00
N LEU A 175 -47.54 12.42 -8.66
CA LEU A 175 -47.74 13.52 -7.73
C LEU A 175 -49.00 13.34 -6.89
N SER A 176 -48.95 13.90 -5.68
CA SER A 176 -50.07 13.83 -4.78
C SER A 176 -50.35 15.24 -4.29
N SER A 177 -51.63 15.57 -4.21
CA SER A 177 -52.03 16.88 -3.73
C SER A 177 -52.93 16.60 -2.54
N THR A 178 -52.53 17.10 -1.37
CA THR A 178 -53.31 16.87 -0.17
C THR A 178 -53.93 18.15 0.35
N LEU A 179 -55.25 18.13 0.46
CA LEU A 179 -56.03 19.25 0.96
C LEU A 179 -56.35 19.02 2.43
N THR A 180 -56.00 19.97 3.29
CA THR A 180 -56.30 19.80 4.72
C THR A 180 -57.40 20.77 5.19
N LEU A 181 -58.49 20.20 5.71
CA LEU A 181 -59.62 20.97 6.23
C LEU A 181 -60.09 20.42 7.58
N SER A 182 -60.84 21.25 8.29
CA SER A 182 -61.38 20.89 9.59
C SER A 182 -62.58 19.98 9.41
N LYS A 183 -62.84 19.12 10.39
CA LYS A 183 -63.99 18.24 10.34
C LYS A 183 -65.22 19.10 10.10
N ALA A 184 -65.19 20.31 10.66
CA ALA A 184 -66.29 21.25 10.53
C ALA A 184 -66.46 21.62 9.05
N ASP A 185 -65.60 22.51 8.57
CA ASP A 185 -65.64 22.95 7.18
C ASP A 185 -66.00 21.80 6.24
N TYR A 186 -65.42 20.64 6.51
CA TYR A 186 -65.65 19.47 5.68
C TYR A 186 -67.03 18.84 5.75
N GLU A 187 -67.69 18.91 6.91
CA GLU A 187 -69.02 18.32 7.01
C GLU A 187 -70.14 19.24 6.55
N LYS A 188 -69.83 20.54 6.42
CA LYS A 188 -70.83 21.50 5.98
C LYS A 188 -70.76 21.71 4.47
N HIS A 189 -69.76 21.10 3.83
CA HIS A 189 -69.59 21.21 2.38
C HIS A 189 -69.87 19.84 1.79
N LYS A 190 -69.92 19.72 0.46
CA LYS A 190 -70.23 18.43 -0.13
C LYS A 190 -69.45 17.98 -1.36
N VAL A 191 -69.33 18.85 -2.35
CA VAL A 191 -68.62 18.51 -3.59
C VAL A 191 -67.14 18.88 -3.58
N TYR A 192 -66.30 17.86 -3.53
CA TYR A 192 -64.85 18.05 -3.53
C TYR A 192 -64.26 17.61 -4.86
N ALA A 193 -63.66 18.57 -5.56
CA ALA A 193 -63.09 18.30 -6.87
C ALA A 193 -61.62 18.65 -7.03
N CYS A 194 -60.93 17.83 -7.81
CA CYS A 194 -59.52 18.01 -8.11
C CYS A 194 -59.40 18.23 -9.61
N GLU A 195 -58.83 19.36 -10.01
CA GLU A 195 -58.68 19.66 -11.42
C GLU A 195 -57.21 19.60 -11.81
N VAL A 196 -56.92 18.82 -12.84
CA VAL A 196 -55.56 18.65 -13.30
C VAL A 196 -55.31 19.20 -14.70
N THR A 197 -54.38 20.12 -14.82
CA THR A 197 -54.01 20.67 -16.12
C THR A 197 -52.60 20.11 -16.36
N HIS A 198 -52.36 19.61 -17.56
CA HIS A 198 -51.07 19.03 -17.91
C HIS A 198 -50.95 18.92 -19.43
N GLN A 199 -49.74 19.12 -19.92
CA GLN A 199 -49.43 19.10 -21.34
C GLN A 199 -50.05 17.96 -22.14
N GLY A 200 -50.16 16.77 -21.54
CA GLY A 200 -50.73 15.63 -22.23
C GLY A 200 -52.25 15.61 -22.26
N LEU A 201 -52.87 16.61 -21.64
CA LEU A 201 -54.32 16.73 -21.58
C LEU A 201 -54.79 17.88 -22.48
N SER A 202 -55.65 17.57 -23.45
CA SER A 202 -56.18 18.57 -24.38
C SER A 202 -57.04 19.61 -23.66
N SER A 203 -57.38 19.30 -22.42
CA SER A 203 -58.17 20.17 -21.55
C SER A 203 -58.15 19.50 -20.18
N PRO A 204 -58.01 20.28 -19.11
CA PRO A 204 -57.96 19.81 -17.71
C PRO A 204 -59.06 18.86 -17.25
N VAL A 205 -58.66 17.68 -16.81
CA VAL A 205 -59.60 16.68 -16.30
C VAL A 205 -59.84 16.98 -14.83
N THR A 206 -61.04 16.65 -14.36
CA THR A 206 -61.39 16.88 -12.98
C THR A 206 -61.94 15.64 -12.31
N LYS A 207 -61.47 15.38 -11.10
CA LYS A 207 -61.93 14.24 -10.32
C LYS A 207 -62.56 14.78 -9.06
N SER A 208 -63.74 14.27 -8.75
CA SER A 208 -64.47 14.75 -7.58
C SER A 208 -65.41 13.70 -7.00
N PHE A 209 -65.96 14.01 -5.83
CA PHE A 209 -66.88 13.12 -5.17
C PHE A 209 -67.75 13.95 -4.28
N ASN A 210 -68.83 13.35 -3.77
CA ASN A 210 -69.74 14.04 -2.87
C ASN A 210 -69.45 13.50 -1.48
N ARG A 211 -69.80 14.24 -0.44
CA ARG A 211 -69.53 13.77 0.90
C ARG A 211 -70.56 12.70 1.26
N ASN A 212 -70.67 11.67 0.41
CA ASN A 212 -71.61 10.57 0.61
C ASN A 212 -71.71 10.15 2.07
N GLU A 213 -72.91 10.23 2.64
CA GLU A 213 -73.18 9.86 4.04
C GLU A 213 -73.00 11.02 5.03
N GLN B 1 -19.47 -11.53 1.96
CA GLN B 1 -20.38 -10.35 1.76
C GLN B 1 -20.20 -9.22 2.77
N VAL B 2 -19.50 -8.17 2.34
CA VAL B 2 -19.24 -7.01 3.18
C VAL B 2 -20.53 -6.23 3.43
N GLN B 3 -20.81 -5.95 4.70
CA GLN B 3 -22.01 -5.22 5.11
C GLN B 3 -21.62 -4.23 6.23
N LEU B 4 -21.87 -2.95 6.02
CA LEU B 4 -21.53 -1.93 7.03
C LEU B 4 -22.82 -1.47 7.70
N LEU B 5 -23.05 -1.99 8.89
CA LEU B 5 -24.25 -1.66 9.64
C LEU B 5 -24.12 -0.37 10.43
N GLU B 6 -25.05 0.54 10.19
CA GLU B 6 -25.07 1.82 10.87
C GLU B 6 -26.36 1.94 11.67
N SER B 7 -26.23 2.55 12.84
CA SER B 7 -27.34 2.73 13.76
C SER B 7 -28.57 3.40 13.16
N GLY B 8 -29.69 3.34 13.88
CA GLY B 8 -30.92 3.94 13.40
C GLY B 8 -30.89 5.45 13.45
N ALA B 9 -31.87 6.09 12.83
CA ALA B 9 -31.94 7.55 12.83
C ALA B 9 -31.83 8.05 14.26
N GLU B 10 -31.30 9.26 14.41
CA GLU B 10 -31.15 9.86 15.73
C GLU B 10 -31.79 11.24 15.77
N LEU B 11 -32.48 11.55 16.84
CA LEU B 11 -33.07 12.88 17.05
C LEU B 11 -32.20 13.41 18.16
N VAL B 12 -31.54 14.54 17.93
CA VAL B 12 -30.66 15.08 18.95
C VAL B 12 -31.01 16.52 19.29
N LYS B 13 -31.01 16.84 20.59
CA LYS B 13 -31.30 18.19 21.07
C LYS B 13 -30.09 19.08 20.86
N PRO B 14 -30.31 20.35 20.47
CA PRO B 14 -29.23 21.31 20.24
C PRO B 14 -28.26 21.43 21.40
N GLY B 15 -26.96 21.36 21.10
CA GLY B 15 -25.97 21.48 22.14
C GLY B 15 -25.51 20.16 22.73
N ALA B 16 -26.29 19.10 22.51
CA ALA B 16 -25.91 17.78 23.04
C ALA B 16 -24.90 17.16 22.08
N SER B 17 -24.70 15.85 22.19
CA SER B 17 -23.79 15.15 21.31
C SER B 17 -24.48 13.86 20.91
N VAL B 18 -23.86 13.14 19.99
CA VAL B 18 -24.40 11.87 19.56
C VAL B 18 -23.24 11.03 19.08
N LYS B 19 -23.36 9.72 19.30
CA LYS B 19 -22.34 8.76 18.95
C LYS B 19 -22.95 7.81 17.91
N LEU B 20 -22.52 7.94 16.65
CA LEU B 20 -23.01 7.08 15.57
C LEU B 20 -22.08 5.89 15.44
N SER B 21 -22.65 4.70 15.23
CA SER B 21 -21.84 3.48 15.12
C SER B 21 -21.88 2.86 13.73
N CYS B 22 -20.81 2.14 13.39
CA CYS B 22 -20.68 1.48 12.09
C CYS B 22 -19.97 0.13 12.24
N LYS B 23 -20.75 -0.93 12.44
CA LYS B 23 -20.21 -2.27 12.65
C LYS B 23 -19.91 -3.02 11.36
N ALA B 24 -18.66 -3.43 11.21
CA ALA B 24 -18.20 -4.14 10.03
C ALA B 24 -18.25 -5.67 10.16
N SER B 25 -18.68 -6.32 9.08
CA SER B 25 -18.79 -7.77 9.02
C SER B 25 -18.51 -8.24 7.59
N GLY B 26 -18.00 -9.46 7.46
CA GLY B 26 -17.72 -9.96 6.13
C GLY B 26 -16.32 -9.69 5.63
N TYR B 27 -15.43 -9.21 6.51
CA TYR B 27 -14.04 -8.95 6.14
C TYR B 27 -13.20 -8.54 7.34
N THR B 28 -11.88 -8.69 7.19
CA THR B 28 -10.94 -8.34 8.24
C THR B 28 -11.08 -6.85 8.55
N PHE B 29 -11.58 -6.53 9.74
CA PHE B 29 -11.79 -5.14 10.12
C PHE B 29 -10.52 -4.31 10.17
N THR B 30 -9.56 -4.73 10.99
CA THR B 30 -8.29 -4.02 11.14
C THR B 30 -7.50 -4.04 9.85
N SER B 31 -8.17 -4.37 8.74
CA SER B 31 -7.54 -4.46 7.44
C SER B 31 -7.81 -3.29 6.48
N TYR B 32 -8.73 -2.41 6.83
CA TYR B 32 -9.06 -1.27 5.96
C TYR B 32 -9.40 0.01 6.69
N TRP B 33 -9.04 1.15 6.07
CA TRP B 33 -9.37 2.44 6.65
C TRP B 33 -10.89 2.61 6.53
N MET B 34 -11.48 3.33 7.48
CA MET B 34 -12.91 3.58 7.44
C MET B 34 -13.11 5.09 7.35
N HIS B 35 -14.01 5.52 6.47
CA HIS B 35 -14.28 6.94 6.33
C HIS B 35 -15.67 7.25 6.87
N TRP B 36 -15.99 8.54 6.91
CA TRP B 36 -17.30 9.01 7.32
C TRP B 36 -17.64 10.18 6.42
N VAL B 37 -18.83 10.14 5.84
CA VAL B 37 -19.28 11.20 4.96
C VAL B 37 -20.59 11.80 5.47
N LYS B 38 -20.72 13.11 5.28
CA LYS B 38 -21.92 13.82 5.67
C LYS B 38 -22.67 14.26 4.43
N GLN B 39 -23.97 14.01 4.39
CA GLN B 39 -24.77 14.40 3.24
C GLN B 39 -26.06 15.11 3.60
N ARG B 40 -26.24 16.30 3.04
CA ARG B 40 -27.44 17.09 3.26
C ARG B 40 -28.19 17.18 1.95
N PRO B 41 -29.52 17.37 2.01
CA PRO B 41 -30.36 17.46 0.81
C PRO B 41 -29.88 18.51 -0.19
N GLY B 42 -29.90 18.13 -1.46
CA GLY B 42 -29.48 19.07 -2.49
C GLY B 42 -28.20 19.73 -2.04
N ARG B 43 -27.26 18.90 -1.58
CA ARG B 43 -25.98 19.38 -1.10
C ARG B 43 -24.91 18.38 -1.52
N GLY B 44 -23.68 18.85 -1.67
CA GLY B 44 -22.62 17.94 -2.07
C GLY B 44 -22.31 16.97 -0.96
N LEU B 45 -21.40 16.04 -1.20
CA LEU B 45 -20.99 15.08 -0.18
C LEU B 45 -19.75 15.65 0.50
N GLU B 46 -19.55 15.33 1.77
CA GLU B 46 -18.39 15.82 2.49
C GLU B 46 -17.66 14.75 3.28
N TRP B 47 -16.36 14.67 3.06
CA TRP B 47 -15.49 13.72 3.75
C TRP B 47 -15.13 14.36 5.10
N ILE B 48 -15.37 13.63 6.18
CA ILE B 48 -15.09 14.13 7.53
C ILE B 48 -13.67 13.83 8.01
N GLY B 49 -13.18 12.66 7.62
CA GLY B 49 -11.84 12.25 8.02
C GLY B 49 -11.88 10.74 8.03
N MET B 50 -10.74 10.09 8.21
CA MET B 50 -10.73 8.63 8.24
C MET B 50 -10.01 8.16 9.49
N ILE B 51 -10.08 6.86 9.74
CA ILE B 51 -9.42 6.28 10.90
C ILE B 51 -8.89 4.88 10.56
N ASP B 52 -7.77 4.51 11.18
CA ASP B 52 -7.16 3.20 10.97
C ASP B 52 -7.64 2.25 12.06
N PRO B 53 -8.60 1.37 11.75
CA PRO B 53 -9.14 0.42 12.72
C PRO B 53 -8.09 -0.48 13.37
N ASN B 54 -6.85 -0.40 12.89
CA ASN B 54 -5.78 -1.23 13.40
C ASN B 54 -4.79 -0.47 14.28
N SER B 55 -4.27 0.63 13.76
CA SER B 55 -3.29 1.45 14.47
C SER B 55 -3.92 2.46 15.42
N GLY B 56 -5.08 2.97 15.06
CA GLY B 56 -5.74 3.97 15.88
C GLY B 56 -5.50 5.31 15.20
N GLY B 57 -4.56 5.31 14.26
CA GLY B 57 -4.25 6.52 13.52
C GLY B 57 -5.51 7.14 12.97
N THR B 58 -5.57 8.46 12.99
CA THR B 58 -6.76 9.13 12.53
C THR B 58 -6.38 10.41 11.80
N LYS B 59 -7.13 10.73 10.75
CA LYS B 59 -6.92 11.95 9.99
C LYS B 59 -8.26 12.63 9.78
N TYR B 60 -8.28 13.95 9.90
CA TYR B 60 -9.53 14.71 9.76
C TYR B 60 -9.55 15.77 8.67
N ASN B 61 -10.76 16.09 8.24
CA ASN B 61 -10.98 17.14 7.25
C ASN B 61 -10.95 18.39 8.11
N GLU B 62 -9.93 19.23 7.94
CA GLU B 62 -9.77 20.43 8.75
C GLU B 62 -11.04 21.16 9.18
N LYS B 63 -12.12 21.04 8.42
CA LYS B 63 -13.36 21.74 8.77
C LYS B 63 -14.16 21.01 9.85
N PHE B 64 -13.96 19.71 9.99
CA PHE B 64 -14.68 18.93 10.99
C PHE B 64 -13.79 18.50 12.16
N LYS B 65 -12.63 19.12 12.28
CA LYS B 65 -11.70 18.76 13.35
C LYS B 65 -12.26 19.05 14.76
N SER B 66 -13.14 20.04 14.86
CA SER B 66 -13.70 20.43 16.15
C SER B 66 -15.03 19.79 16.54
N LYS B 67 -15.77 19.25 15.59
CA LYS B 67 -17.05 18.65 15.92
C LYS B 67 -17.08 17.13 15.88
N ALA B 68 -16.20 16.56 15.08
CA ALA B 68 -16.14 15.11 14.92
C ALA B 68 -14.98 14.47 15.68
N THR B 69 -15.21 13.25 16.14
CA THR B 69 -14.19 12.51 16.85
C THR B 69 -14.32 11.02 16.48
N LEU B 70 -13.32 10.50 15.79
CA LEU B 70 -13.34 9.11 15.33
C LEU B 70 -12.61 8.08 16.21
N THR B 71 -13.21 6.90 16.34
CA THR B 71 -12.64 5.81 17.13
C THR B 71 -13.13 4.45 16.61
N VAL B 72 -12.64 3.37 17.22
CA VAL B 72 -13.02 2.01 16.85
C VAL B 72 -12.99 1.10 18.07
N ASP B 73 -13.24 -0.18 17.82
CA ASP B 73 -13.23 -1.19 18.88
C ASP B 73 -13.08 -2.55 18.23
N LYS B 74 -11.85 -3.02 18.10
CA LYS B 74 -11.59 -4.32 17.47
C LYS B 74 -12.46 -5.45 17.96
N PRO B 75 -12.62 -5.60 19.29
CA PRO B 75 -13.45 -6.68 19.81
C PRO B 75 -14.81 -6.79 19.11
N SER B 76 -15.34 -5.64 18.70
CA SER B 76 -16.63 -5.59 18.02
C SER B 76 -16.53 -5.14 16.56
N ASN B 77 -15.32 -4.91 16.07
CA ASN B 77 -15.14 -4.49 14.69
C ASN B 77 -16.02 -3.28 14.36
N THR B 78 -16.51 -2.61 15.40
CA THR B 78 -17.37 -1.46 15.23
C THR B 78 -16.62 -0.13 15.24
N ALA B 79 -16.94 0.75 14.31
CA ALA B 79 -16.31 2.06 14.25
C ALA B 79 -17.30 3.06 14.84
N TYR B 80 -16.78 4.16 15.38
CA TYR B 80 -17.65 5.17 15.99
C TYR B 80 -17.29 6.59 15.63
N MET B 81 -18.33 7.38 15.43
CA MET B 81 -18.16 8.79 15.12
C MET B 81 -19.03 9.55 16.09
N GLN B 82 -18.41 10.39 16.91
CA GLN B 82 -19.15 11.19 17.86
C GLN B 82 -19.12 12.62 17.39
N LEU B 83 -20.26 13.29 17.51
CA LEU B 83 -20.40 14.68 17.12
C LEU B 83 -20.76 15.44 18.39
N SER B 84 -20.24 16.64 18.55
CA SER B 84 -20.54 17.43 19.75
C SER B 84 -21.27 18.76 19.48
N SER B 85 -21.68 19.45 20.54
CA SER B 85 -22.39 20.73 20.43
C SER B 85 -23.17 20.86 19.12
N LEU B 86 -23.99 19.85 18.83
CA LEU B 86 -24.78 19.82 17.61
C LEU B 86 -25.70 21.01 17.41
N THR B 87 -25.86 21.43 16.16
CA THR B 87 -26.76 22.52 15.80
C THR B 87 -27.47 22.03 14.53
N SER B 88 -28.51 22.73 14.11
CA SER B 88 -29.27 22.34 12.92
C SER B 88 -28.35 22.18 11.72
N GLU B 89 -27.12 22.64 11.84
CA GLU B 89 -26.18 22.55 10.74
C GLU B 89 -25.65 21.13 10.60
N ASP B 90 -25.65 20.40 11.72
CA ASP B 90 -25.19 19.04 11.72
C ASP B 90 -26.29 18.09 11.29
N SER B 91 -27.51 18.61 11.13
CA SER B 91 -28.60 17.74 10.67
C SER B 91 -28.21 17.25 9.29
N ALA B 92 -28.26 15.95 9.09
CA ALA B 92 -27.88 15.38 7.81
C ALA B 92 -27.89 13.89 7.91
N VAL B 93 -27.49 13.25 6.81
CA VAL B 93 -27.39 11.82 6.74
C VAL B 93 -25.90 11.55 6.76
N TYR B 94 -25.45 10.80 7.75
CA TYR B 94 -24.04 10.45 7.86
C TYR B 94 -23.81 9.00 7.40
N TYR B 95 -22.71 8.76 6.69
CA TYR B 95 -22.39 7.41 6.19
C TYR B 95 -20.96 7.01 6.59
N CYS B 96 -20.73 5.71 6.71
CA CYS B 96 -19.37 5.21 6.95
C CYS B 96 -19.05 4.40 5.69
N THR B 97 -17.83 4.50 5.20
CA THR B 97 -17.43 3.78 3.99
C THR B 97 -16.03 3.17 4.13
N ARG B 98 -15.79 2.04 3.46
CA ARG B 98 -14.49 1.41 3.50
C ARG B 98 -13.44 2.30 2.84
N ARG B 99 -12.17 1.99 3.11
CA ARG B 99 -11.01 2.73 2.60
C ARG B 99 -11.10 3.23 1.17
N ASP B 100 -11.45 2.33 0.26
CA ASP B 100 -11.54 2.69 -1.15
C ASP B 100 -12.93 3.13 -1.57
N MET B 101 -13.89 2.99 -0.65
CA MET B 101 -15.28 3.36 -0.88
C MET B 101 -16.02 2.51 -1.89
N ASP B 102 -15.88 1.20 -1.77
CA ASP B 102 -16.56 0.24 -2.62
C ASP B 102 -17.71 -0.35 -1.83
N TYR B 103 -17.73 -0.03 -0.54
CA TYR B 103 -18.78 -0.50 0.38
C TYR B 103 -19.26 0.67 1.25
N TRP B 104 -20.57 0.87 1.29
CA TRP B 104 -21.14 1.96 2.06
C TRP B 104 -22.19 1.47 3.05
N GLY B 105 -22.30 2.17 4.17
CA GLY B 105 -23.31 1.80 5.14
C GLY B 105 -24.61 2.32 4.55
N ALA B 106 -25.74 1.93 5.11
CA ALA B 106 -27.01 2.42 4.60
C ALA B 106 -27.16 3.91 4.91
N GLY B 107 -26.60 4.33 6.04
CA GLY B 107 -26.69 5.72 6.42
C GLY B 107 -27.59 5.94 7.62
N THR B 108 -27.23 6.92 8.45
CA THR B 108 -28.01 7.25 9.63
C THR B 108 -28.47 8.71 9.56
N THR B 109 -29.78 8.92 9.48
CA THR B 109 -30.29 10.28 9.38
C THR B 109 -30.29 10.93 10.76
N VAL B 110 -29.58 12.04 10.87
CA VAL B 110 -29.46 12.77 12.13
C VAL B 110 -30.15 14.12 12.04
N THR B 111 -31.10 14.36 12.95
CA THR B 111 -31.80 15.62 12.95
C THR B 111 -31.58 16.30 14.30
N VAL B 112 -31.22 17.58 14.26
CA VAL B 112 -30.96 18.33 15.48
C VAL B 112 -32.10 19.34 15.72
N SER B 113 -32.81 19.18 16.83
CA SER B 113 -33.93 20.07 17.11
C SER B 113 -34.34 20.04 18.58
N SER B 114 -35.08 21.06 19.01
CA SER B 114 -35.54 21.11 20.38
C SER B 114 -36.93 20.51 20.44
N ALA B 115 -37.51 20.23 19.29
CA ALA B 115 -38.84 19.64 19.24
C ALA B 115 -38.77 18.17 19.66
N SER B 116 -39.79 17.70 20.37
CA SER B 116 -39.82 16.30 20.82
C SER B 116 -40.22 15.34 19.72
N THR B 117 -40.02 14.05 19.96
CA THR B 117 -40.39 13.05 18.96
C THR B 117 -41.89 12.82 18.95
N LYS B 118 -42.40 12.34 17.81
CA LYS B 118 -43.82 12.06 17.69
C LYS B 118 -44.05 11.03 16.60
N GLY B 119 -44.72 9.94 16.96
CA GLY B 119 -45.00 8.89 16.00
C GLY B 119 -46.14 9.24 15.06
N PRO B 120 -46.14 8.73 13.83
CA PRO B 120 -47.16 8.98 12.81
C PRO B 120 -48.54 8.35 13.05
N SER B 121 -49.56 8.99 12.50
CA SER B 121 -50.93 8.47 12.57
C SER B 121 -51.13 7.95 11.17
N VAL B 122 -51.63 6.73 11.02
CA VAL B 122 -51.80 6.17 9.69
C VAL B 122 -53.26 5.98 9.29
N PHE B 123 -53.66 6.61 8.19
CA PHE B 123 -55.05 6.50 7.71
C PHE B 123 -55.09 5.85 6.33
N PRO B 124 -56.11 5.00 6.09
CA PRO B 124 -56.31 4.28 4.83
C PRO B 124 -56.84 5.16 3.71
N LEU B 125 -56.36 4.92 2.50
CA LEU B 125 -56.79 5.65 1.31
C LEU B 125 -57.65 4.68 0.50
N ALA B 126 -58.89 4.50 0.95
CA ALA B 126 -59.87 3.59 0.37
C ALA B 126 -59.80 3.37 -1.14
N PRO B 127 -59.76 2.10 -1.57
CA PRO B 127 -59.70 1.72 -2.99
C PRO B 127 -60.91 2.26 -3.74
N SER B 128 -60.67 2.78 -4.94
CA SER B 128 -61.73 3.34 -5.79
C SER B 128 -62.99 3.59 -5.01
N SER B 129 -62.88 4.42 -3.97
CA SER B 129 -64.00 4.76 -3.10
C SER B 129 -65.30 4.75 -3.86
N LYS B 130 -66.30 4.07 -3.30
CA LYS B 130 -67.62 3.93 -3.91
C LYS B 130 -67.52 3.58 -5.40
N SER B 131 -67.44 4.60 -6.25
CA SER B 131 -67.35 4.43 -7.71
C SER B 131 -66.12 3.63 -8.15
N THR B 132 -66.35 2.37 -8.50
CA THR B 132 -65.29 1.47 -8.97
C THR B 132 -65.04 1.74 -10.47
N SER B 133 -63.96 2.46 -10.79
CA SER B 133 -63.64 2.79 -12.18
C SER B 133 -63.35 1.55 -13.05
N GLY B 134 -62.53 1.70 -14.09
CA GLY B 134 -62.24 0.57 -14.97
C GLY B 134 -60.79 0.24 -15.24
N GLY B 135 -60.46 -1.04 -15.09
CA GLY B 135 -59.10 -1.51 -15.33
C GLY B 135 -58.28 -1.70 -14.06
N THR B 136 -57.64 -0.63 -13.61
CA THR B 136 -56.79 -0.67 -12.43
C THR B 136 -57.27 0.28 -11.33
N ALA B 137 -57.11 -0.14 -10.08
CA ALA B 137 -57.52 0.67 -8.93
C ALA B 137 -56.34 1.12 -8.10
N ALA B 138 -56.48 2.26 -7.43
CA ALA B 138 -55.42 2.79 -6.60
C ALA B 138 -55.87 2.90 -5.15
N LEU B 139 -54.93 2.70 -4.25
CA LEU B 139 -55.22 2.77 -2.83
C LEU B 139 -53.93 3.07 -2.09
N GLY B 140 -53.99 3.19 -0.77
CA GLY B 140 -52.78 3.47 -0.03
C GLY B 140 -52.98 3.83 1.42
N CYS B 141 -51.99 4.55 1.96
CA CYS B 141 -52.00 5.01 3.33
C CYS B 141 -51.40 6.38 3.44
N LEU B 142 -52.06 7.21 4.24
CA LEU B 142 -51.62 8.56 4.53
C LEU B 142 -50.90 8.43 5.86
N VAL B 143 -49.61 8.75 5.87
CA VAL B 143 -48.79 8.68 7.08
C VAL B 143 -48.51 10.12 7.48
N LYS B 144 -49.12 10.59 8.57
CA LYS B 144 -48.88 11.99 8.94
C LYS B 144 -48.69 12.40 10.39
N ASP B 145 -48.11 13.59 10.52
CA ASP B 145 -47.81 14.25 11.79
C ASP B 145 -46.83 13.49 12.65
N TYR B 146 -45.66 13.21 12.08
CA TYR B 146 -44.60 12.50 12.79
C TYR B 146 -43.37 13.38 12.76
N PHE B 147 -42.45 13.18 13.69
CA PHE B 147 -41.21 13.97 13.73
C PHE B 147 -40.15 13.20 14.50
N PRO B 148 -38.93 13.14 13.98
CA PRO B 148 -38.47 13.75 12.74
C PRO B 148 -38.49 12.64 11.68
N GLU B 149 -37.77 12.87 10.59
CA GLU B 149 -37.64 11.89 9.52
C GLU B 149 -36.64 10.91 10.11
N PRO B 150 -36.57 9.68 9.57
CA PRO B 150 -37.36 9.15 8.47
C PRO B 150 -38.50 8.24 8.94
N VAL B 151 -39.21 7.69 7.97
CA VAL B 151 -40.30 6.76 8.25
C VAL B 151 -40.26 5.76 7.10
N THR B 152 -40.41 4.48 7.39
CA THR B 152 -40.37 3.47 6.33
C THR B 152 -41.74 2.87 6.09
N VAL B 153 -42.03 2.57 4.84
CA VAL B 153 -43.31 1.99 4.49
C VAL B 153 -43.14 0.78 3.58
N SER B 154 -43.94 -0.25 3.84
CA SER B 154 -43.91 -1.47 3.02
C SER B 154 -45.33 -2.01 2.94
N TRP B 155 -45.61 -2.74 1.86
CA TRP B 155 -46.94 -3.33 1.68
C TRP B 155 -46.94 -4.83 1.88
N ASN B 156 -47.85 -5.31 2.73
CA ASN B 156 -47.96 -6.73 2.99
C ASN B 156 -46.60 -7.32 3.35
N SER B 157 -45.97 -6.74 4.37
CA SER B 157 -44.67 -7.19 4.85
C SER B 157 -43.61 -7.36 3.78
N GLY B 158 -43.54 -6.41 2.86
CA GLY B 158 -42.53 -6.50 1.82
C GLY B 158 -42.92 -7.44 0.70
N ALA B 159 -44.06 -8.12 0.85
CA ALA B 159 -44.53 -9.07 -0.17
C ALA B 159 -44.98 -8.35 -1.45
N LEU B 160 -45.42 -7.10 -1.31
CA LEU B 160 -45.91 -6.29 -2.44
C LEU B 160 -44.96 -5.12 -2.78
N THR B 161 -44.42 -5.13 -4.00
CA THR B 161 -43.49 -4.10 -4.44
C THR B 161 -43.88 -3.53 -5.79
N SER B 162 -44.74 -4.24 -6.51
CA SER B 162 -45.16 -3.80 -7.83
C SER B 162 -46.19 -2.67 -7.79
N GLY B 163 -45.92 -1.61 -8.54
CA GLY B 163 -46.84 -0.48 -8.59
C GLY B 163 -46.94 0.35 -7.31
N VAL B 164 -45.95 0.24 -6.44
CA VAL B 164 -45.94 0.98 -5.19
C VAL B 164 -45.20 2.31 -5.31
N HIS B 165 -45.88 3.38 -4.92
CA HIS B 165 -45.31 4.71 -4.94
C HIS B 165 -45.31 5.34 -3.54
N THR B 166 -44.13 5.50 -2.96
CA THR B 166 -44.02 6.13 -1.65
C THR B 166 -43.42 7.53 -1.83
N PHE B 167 -44.30 8.52 -1.79
CA PHE B 167 -43.94 9.92 -1.96
C PHE B 167 -42.98 10.46 -0.93
N PRO B 168 -42.12 11.41 -1.33
CA PRO B 168 -41.13 12.04 -0.46
C PRO B 168 -41.93 12.77 0.62
N ALA B 169 -41.40 12.87 1.81
CA ALA B 169 -42.12 13.53 2.90
C ALA B 169 -42.06 15.05 2.79
N VAL B 170 -43.14 15.72 3.21
CA VAL B 170 -43.18 17.18 3.20
C VAL B 170 -43.48 17.72 4.60
N LEU B 171 -42.73 18.75 4.99
CA LEU B 171 -42.89 19.36 6.30
C LEU B 171 -44.15 20.22 6.33
N GLN B 172 -45.13 19.82 7.13
CA GLN B 172 -46.37 20.58 7.23
C GLN B 172 -46.04 21.86 7.99
N SER B 173 -46.96 22.81 8.00
CA SER B 173 -46.73 24.08 8.68
C SER B 173 -46.61 23.88 10.18
N SER B 174 -47.19 22.78 10.66
CA SER B 174 -47.14 22.46 12.07
C SER B 174 -45.76 21.98 12.50
N GLY B 175 -44.81 21.93 11.57
CA GLY B 175 -43.49 21.46 11.90
C GLY B 175 -43.45 19.93 11.97
N LEU B 176 -44.54 19.32 11.54
CA LEU B 176 -44.68 17.88 11.53
C LEU B 176 -44.66 17.38 10.10
N TYR B 177 -44.07 16.21 9.86
CA TYR B 177 -43.99 15.63 8.53
C TYR B 177 -45.21 14.81 8.13
N SER B 178 -45.37 14.61 6.83
CA SER B 178 -46.49 13.84 6.30
C SER B 178 -46.20 13.36 4.88
N LEU B 179 -46.77 12.21 4.54
CA LEU B 179 -46.59 11.62 3.21
C LEU B 179 -47.58 10.48 2.97
N SER B 180 -47.75 10.14 1.71
CA SER B 180 -48.64 9.04 1.33
C SER B 180 -47.89 8.00 0.54
N SER B 181 -48.31 6.75 0.71
CA SER B 181 -47.72 5.64 -0.01
C SER B 181 -48.91 5.00 -0.72
N VAL B 182 -48.84 4.93 -2.05
CA VAL B 182 -49.94 4.33 -2.78
C VAL B 182 -49.47 3.16 -3.63
N VAL B 183 -50.43 2.35 -4.04
CA VAL B 183 -50.14 1.21 -4.86
C VAL B 183 -51.33 1.00 -5.79
N THR B 184 -51.03 0.67 -7.03
CA THR B 184 -52.05 0.43 -8.03
C THR B 184 -52.11 -1.07 -8.27
N VAL B 185 -53.33 -1.60 -8.25
CA VAL B 185 -53.56 -3.02 -8.44
C VAL B 185 -54.83 -3.21 -9.25
N PRO B 186 -55.08 -4.43 -9.76
CA PRO B 186 -56.26 -4.76 -10.54
C PRO B 186 -57.50 -4.71 -9.65
N SER B 187 -58.52 -3.97 -10.08
CA SER B 187 -59.74 -3.83 -9.31
C SER B 187 -60.46 -5.12 -8.92
N SER B 188 -60.16 -6.22 -9.59
CA SER B 188 -60.78 -7.50 -9.28
C SER B 188 -60.12 -8.20 -8.10
N SER B 189 -59.00 -7.65 -7.64
CA SER B 189 -58.26 -8.23 -6.53
C SER B 189 -58.81 -7.71 -5.20
N LEU B 190 -59.49 -6.58 -5.26
CA LEU B 190 -60.06 -5.96 -4.06
C LEU B 190 -60.97 -6.93 -3.30
N GLY B 191 -61.29 -6.58 -2.07
CA GLY B 191 -62.16 -7.44 -1.28
C GLY B 191 -61.50 -8.78 -1.00
N THR B 192 -61.10 -9.48 -2.06
CA THR B 192 -60.47 -10.79 -1.92
C THR B 192 -59.02 -10.71 -1.47
N GLN B 193 -58.29 -9.71 -1.94
CA GLN B 193 -56.89 -9.53 -1.54
C GLN B 193 -56.86 -8.48 -0.42
N THR B 194 -56.04 -8.73 0.59
CA THR B 194 -55.92 -7.82 1.72
C THR B 194 -54.66 -6.97 1.57
N TYR B 195 -54.84 -5.66 1.55
CA TYR B 195 -53.73 -4.74 1.44
C TYR B 195 -53.44 -4.08 2.79
N ILE B 196 -52.23 -4.29 3.28
CA ILE B 196 -51.83 -3.74 4.57
C ILE B 196 -50.51 -2.99 4.45
N CYS B 197 -50.50 -1.73 4.88
CA CYS B 197 -49.28 -0.94 4.83
C CYS B 197 -48.60 -1.02 6.19
N ASN B 198 -47.30 -1.30 6.15
CA ASN B 198 -46.53 -1.42 7.38
C ASN B 198 -45.66 -0.19 7.54
N VAL B 199 -46.03 0.66 8.48
CA VAL B 199 -45.29 1.90 8.72
C VAL B 199 -44.41 1.81 9.94
N ASN B 200 -43.18 2.25 9.80
CA ASN B 200 -42.22 2.25 10.89
C ASN B 200 -41.59 3.62 11.10
N HIS B 201 -41.48 4.00 12.37
CA HIS B 201 -40.88 5.27 12.75
C HIS B 201 -40.01 4.97 13.95
N LYS B 202 -38.78 4.53 13.69
CA LYS B 202 -37.82 4.15 14.70
C LYS B 202 -37.58 5.21 15.81
N PRO B 203 -37.53 6.51 15.43
CA PRO B 203 -37.31 7.55 16.44
C PRO B 203 -38.34 7.52 17.55
N SER B 204 -39.57 7.15 17.23
CA SER B 204 -40.61 7.07 18.23
C SER B 204 -40.91 5.62 18.62
N ASN B 205 -40.11 4.68 18.07
CA ASN B 205 -40.32 3.26 18.36
C ASN B 205 -41.73 2.85 17.96
N THR B 206 -42.26 3.52 16.94
CA THR B 206 -43.61 3.26 16.48
C THR B 206 -43.61 2.27 15.33
N LYS B 207 -44.57 1.34 15.37
CA LYS B 207 -44.72 0.36 14.32
C LYS B 207 -46.19 0.14 14.12
N VAL B 208 -46.68 0.49 12.93
CA VAL B 208 -48.11 0.35 12.65
C VAL B 208 -48.41 -0.53 11.42
N ASP B 209 -49.54 -1.22 11.50
CA ASP B 209 -50.03 -2.07 10.42
C ASP B 209 -51.48 -1.61 10.22
N LYS B 210 -51.85 -1.32 8.99
CA LYS B 210 -53.20 -0.86 8.72
C LYS B 210 -53.81 -1.54 7.51
N LYS B 211 -54.98 -2.15 7.71
CA LYS B 211 -55.70 -2.85 6.64
C LYS B 211 -56.41 -1.79 5.78
N ILE B 212 -56.40 -1.96 4.46
CA ILE B 212 -57.06 -1.02 3.56
C ILE B 212 -58.16 -1.75 2.81
N VAL B 213 -59.41 -1.52 3.21
CA VAL B 213 -60.55 -2.18 2.58
C VAL B 213 -61.33 -1.20 1.69
N PRO B 214 -61.95 -1.71 0.62
CA PRO B 214 -62.73 -0.91 -0.34
C PRO B 214 -63.79 -0.04 0.33
N LYS B 215 -63.66 1.27 0.14
CA LYS B 215 -64.58 2.26 0.72
C LYS B 215 -66.02 1.78 0.78
N SER B 216 -66.69 2.09 1.88
CA SER B 216 -68.09 1.70 2.08
C SER B 216 -68.94 2.91 2.47
N GLU C 1 9.93 -12.96 -16.26
CA GLU C 1 10.24 -11.98 -15.18
C GLU C 1 10.58 -10.62 -15.76
N LEU C 2 10.49 -9.59 -14.91
CA LEU C 2 10.81 -8.23 -15.31
C LEU C 2 12.32 -8.08 -15.16
N VAL C 3 13.07 -8.09 -16.28
CA VAL C 3 14.52 -7.96 -16.18
C VAL C 3 15.05 -6.53 -16.18
N MET C 4 15.96 -6.26 -15.25
CA MET C 4 16.57 -4.95 -15.12
C MET C 4 17.99 -5.02 -15.67
N THR C 5 18.23 -4.38 -16.80
CA THR C 5 19.57 -4.36 -17.38
C THR C 5 20.25 -3.13 -16.80
N GLN C 6 21.45 -3.32 -16.27
CA GLN C 6 22.19 -2.23 -15.68
C GLN C 6 23.47 -1.93 -16.42
N THR C 7 23.70 -0.65 -16.68
CA THR C 7 24.89 -0.19 -17.39
C THR C 7 25.49 1.03 -16.71
N PRO C 8 26.83 1.13 -16.71
CA PRO C 8 27.77 0.17 -17.28
C PRO C 8 28.01 -0.92 -16.24
N LYS C 9 29.12 -1.63 -16.37
CA LYS C 9 29.46 -2.67 -15.41
C LYS C 9 30.75 -2.36 -14.66
N PHE C 10 31.55 -1.46 -15.21
CA PHE C 10 32.81 -1.05 -14.59
C PHE C 10 33.07 0.42 -14.92
N MET C 11 32.93 1.28 -13.92
CA MET C 11 33.13 2.70 -14.11
C MET C 11 34.30 3.20 -13.28
N SER C 12 35.28 3.78 -13.95
CA SER C 12 36.44 4.31 -13.25
C SER C 12 36.07 5.75 -12.90
N THR C 13 36.49 6.23 -11.73
CA THR C 13 36.14 7.58 -11.33
C THR C 13 37.20 8.19 -10.43
N THR C 14 37.21 9.52 -10.33
CA THR C 14 38.17 10.22 -9.47
C THR C 14 37.40 10.87 -8.33
N VAL C 15 38.11 11.31 -7.29
CA VAL C 15 37.47 11.95 -6.15
C VAL C 15 36.97 13.30 -6.63
N GLY C 16 35.69 13.61 -6.39
CA GLY C 16 35.12 14.87 -6.81
C GLY C 16 34.39 14.76 -8.14
N ASP C 17 34.54 13.62 -8.80
CA ASP C 17 33.94 13.34 -10.11
C ASP C 17 32.45 12.98 -10.03
N ARG C 18 31.81 12.84 -11.20
CA ARG C 18 30.39 12.47 -11.25
C ARG C 18 30.21 11.06 -11.80
N VAL C 19 29.36 10.29 -11.14
CA VAL C 19 29.09 8.92 -11.56
C VAL C 19 27.61 8.88 -11.95
N SER C 20 27.29 8.09 -12.96
CA SER C 20 25.90 7.98 -13.41
C SER C 20 25.63 6.54 -13.85
N ILE C 21 24.78 5.85 -13.10
CA ILE C 21 24.42 4.45 -13.35
C ILE C 21 22.95 4.35 -13.75
N THR C 22 22.67 3.63 -14.82
CA THR C 22 21.30 3.49 -15.31
C THR C 22 20.78 2.06 -15.43
N CYS C 23 19.50 1.86 -15.13
CA CYS C 23 18.86 0.55 -15.26
C CYS C 23 17.71 0.62 -16.25
N LYS C 24 17.61 -0.39 -17.12
CA LYS C 24 16.56 -0.40 -18.13
C LYS C 24 15.64 -1.58 -17.96
N ALA C 25 14.39 -1.32 -17.59
CA ALA C 25 13.43 -2.40 -17.42
C ALA C 25 12.96 -2.94 -18.78
N SER C 26 12.68 -4.23 -18.83
CA SER C 26 12.22 -4.88 -20.06
C SER C 26 10.71 -4.65 -20.18
N GLN C 27 10.11 -4.16 -19.10
CA GLN C 27 8.68 -3.86 -19.06
C GLN C 27 8.45 -2.78 -18.01
N ASN C 28 7.47 -1.92 -18.27
CA ASN C 28 7.14 -0.83 -17.36
C ASN C 28 6.93 -1.32 -15.93
N VAL C 29 7.51 -0.59 -14.98
CA VAL C 29 7.36 -0.92 -13.57
C VAL C 29 6.58 0.20 -12.90
N GLY C 30 6.87 1.42 -13.29
CA GLY C 30 6.18 2.55 -12.70
C GLY C 30 7.13 3.33 -11.83
N THR C 31 7.01 3.19 -10.52
CA THR C 31 7.89 3.92 -9.62
C THR C 31 8.60 3.05 -8.58
N PRO C 32 8.06 1.86 -8.26
CA PRO C 32 8.71 0.98 -7.28
C PRO C 32 10.10 0.52 -7.70
N VAL C 33 11.11 1.35 -7.47
CA VAL C 33 12.48 0.98 -7.79
C VAL C 33 13.41 1.47 -6.68
N ALA C 34 14.41 0.65 -6.37
CA ALA C 34 15.38 0.98 -5.33
C ALA C 34 16.80 0.72 -5.82
N TRP C 35 17.76 1.37 -5.15
CA TRP C 35 19.17 1.17 -5.47
C TRP C 35 19.86 0.85 -4.16
N TYR C 36 20.82 -0.07 -4.22
CA TYR C 36 21.54 -0.43 -3.02
C TYR C 36 23.03 -0.24 -3.22
N GLN C 37 23.76 -0.19 -2.12
CA GLN C 37 25.19 -0.04 -2.12
C GLN C 37 25.81 -1.22 -1.38
N GLN C 38 26.88 -1.80 -1.95
CA GLN C 38 27.53 -2.92 -1.29
C GLN C 38 29.05 -2.89 -1.35
N LYS C 39 29.66 -2.63 -0.20
CA LYS C 39 31.11 -2.57 -0.10
C LYS C 39 31.62 -3.98 0.15
N PRO C 40 32.89 -4.25 -0.18
CA PRO C 40 33.49 -5.56 0.01
C PRO C 40 33.52 -5.93 1.49
N GLY C 41 33.16 -7.18 1.77
CA GLY C 41 33.13 -7.64 3.14
C GLY C 41 31.93 -7.11 3.91
N GLN C 42 30.90 -6.70 3.17
CA GLN C 42 29.68 -6.16 3.78
C GLN C 42 28.42 -6.63 3.04
N SER C 43 27.27 -6.29 3.60
CA SER C 43 25.97 -6.63 3.03
C SER C 43 25.45 -5.39 2.31
N PRO C 44 24.41 -5.54 1.49
CA PRO C 44 23.81 -4.43 0.73
C PRO C 44 23.07 -3.45 1.65
N LYS C 45 23.13 -2.16 1.32
CA LYS C 45 22.45 -1.14 2.13
C LYS C 45 21.44 -0.41 1.24
N LEU C 46 20.29 -0.06 1.80
CA LEU C 46 19.26 0.66 1.06
C LEU C 46 19.69 2.11 0.86
N LEU C 47 19.80 2.54 -0.39
CA LEU C 47 20.21 3.91 -0.71
C LEU C 47 19.00 4.76 -1.06
N ILE C 48 18.27 4.30 -2.08
CA ILE C 48 17.07 4.96 -2.56
C ILE C 48 15.98 3.93 -2.80
N TYR C 49 14.73 4.33 -2.58
CA TYR C 49 13.62 3.43 -2.79
C TYR C 49 12.49 4.24 -3.40
N SER C 50 11.52 3.55 -3.99
CA SER C 50 10.38 4.23 -4.61
C SER C 50 10.90 5.18 -5.66
N ALA C 51 11.92 4.73 -6.38
CA ALA C 51 12.51 5.50 -7.47
C ALA C 51 13.43 6.66 -7.09
N SER C 52 12.92 7.60 -6.30
CA SER C 52 13.73 8.74 -5.92
C SER C 52 13.74 9.13 -4.44
N ASN C 53 13.05 8.37 -3.60
CA ASN C 53 13.03 8.69 -2.17
C ASN C 53 14.30 8.22 -1.49
N ARG C 54 15.19 9.17 -1.20
CA ARG C 54 16.43 8.85 -0.53
C ARG C 54 16.11 8.26 0.84
N TYR C 55 16.83 7.21 1.23
CA TYR C 55 16.60 6.58 2.54
C TYR C 55 17.20 7.48 3.59
N THR C 56 16.58 7.55 4.78
CA THR C 56 17.07 8.39 5.86
C THR C 56 18.49 7.97 6.23
N GLY C 57 19.38 8.96 6.32
CA GLY C 57 20.76 8.67 6.66
C GLY C 57 21.72 8.80 5.49
N VAL C 58 21.23 8.54 4.29
CA VAL C 58 22.04 8.63 3.08
C VAL C 58 22.40 10.06 2.71
N PRO C 59 23.68 10.33 2.40
CA PRO C 59 24.10 11.68 2.03
C PRO C 59 23.29 12.10 0.82
N ASP C 60 23.16 13.40 0.61
CA ASP C 60 22.38 13.89 -0.52
C ASP C 60 23.12 13.81 -1.86
N ARG C 61 24.38 13.37 -1.84
CA ARG C 61 25.11 13.28 -3.10
C ARG C 61 24.64 12.08 -3.92
N PHE C 62 23.92 11.16 -3.28
CA PHE C 62 23.34 9.99 -3.94
C PHE C 62 21.95 10.45 -4.34
N THR C 63 21.65 10.42 -5.64
CA THR C 63 20.34 10.82 -6.12
C THR C 63 19.75 9.82 -7.10
N GLY C 64 18.48 9.49 -6.92
CA GLY C 64 17.83 8.55 -7.82
C GLY C 64 16.81 9.29 -8.67
N SER C 65 16.46 8.72 -9.82
CA SER C 65 15.49 9.35 -10.71
C SER C 65 15.12 8.44 -11.86
N GLY C 66 13.97 8.73 -12.49
CA GLY C 66 13.52 7.92 -13.60
C GLY C 66 12.03 7.66 -13.60
N SER C 67 11.48 7.49 -14.80
CA SER C 67 10.06 7.26 -14.99
C SER C 67 9.61 5.81 -14.73
N GLY C 68 9.14 5.12 -15.77
CA GLY C 68 8.66 3.76 -15.59
C GLY C 68 9.48 2.63 -16.22
N THR C 69 10.44 3.02 -17.05
CA THR C 69 11.30 2.05 -17.72
C THR C 69 12.77 2.47 -17.63
N ASP C 70 13.01 3.76 -17.39
CA ASP C 70 14.36 4.29 -17.29
C ASP C 70 14.62 4.83 -15.90
N PHE C 71 15.72 4.40 -15.29
CA PHE C 71 16.08 4.84 -13.96
C PHE C 71 17.56 5.21 -13.88
N THR C 72 17.89 6.09 -12.95
CA THR C 72 19.27 6.53 -12.83
C THR C 72 19.65 6.82 -11.39
N LEU C 73 20.91 6.51 -11.06
CA LEU C 73 21.45 6.79 -9.75
C LEU C 73 22.68 7.62 -10.02
N THR C 74 22.72 8.83 -9.47
CA THR C 74 23.87 9.70 -9.67
C THR C 74 24.61 10.00 -8.39
N ILE C 75 25.94 9.98 -8.47
CA ILE C 75 26.76 10.33 -7.33
C ILE C 75 27.29 11.71 -7.75
N SER C 76 26.68 12.76 -7.20
CA SER C 76 27.03 14.14 -7.53
C SER C 76 28.51 14.41 -7.53
N ASN C 77 29.18 13.90 -6.50
CA ASN C 77 30.60 14.10 -6.35
C ASN C 77 31.21 12.95 -5.57
N MET C 78 31.87 12.07 -6.32
CA MET C 78 32.54 10.87 -5.85
C MET C 78 33.49 11.10 -4.68
N GLN C 79 33.32 10.33 -3.61
CA GLN C 79 34.21 10.46 -2.47
C GLN C 79 34.93 9.14 -2.27
N SER C 80 36.14 9.21 -1.71
CA SER C 80 36.98 8.02 -1.50
C SER C 80 36.20 6.83 -0.99
N GLU C 81 35.33 7.06 -0.02
CA GLU C 81 34.53 6.01 0.61
C GLU C 81 33.29 5.58 -0.17
N ASP C 82 33.09 6.11 -1.38
CA ASP C 82 31.92 5.70 -2.16
C ASP C 82 32.24 4.55 -3.10
N LEU C 83 33.46 4.06 -3.06
CA LEU C 83 33.82 2.96 -3.92
C LEU C 83 33.14 1.70 -3.40
N ALA C 84 32.43 1.01 -4.29
CA ALA C 84 31.72 -0.21 -3.94
C ALA C 84 30.94 -0.75 -5.15
N ASP C 85 30.07 -1.70 -4.90
CA ASP C 85 29.22 -2.26 -5.96
C ASP C 85 27.85 -1.62 -5.74
N TYR C 86 27.15 -1.30 -6.83
CA TYR C 86 25.82 -0.71 -6.75
C TYR C 86 24.83 -1.53 -7.58
N PHE C 87 23.64 -1.77 -7.03
CA PHE C 87 22.62 -2.55 -7.72
C PHE C 87 21.27 -1.86 -7.66
N CYS C 88 20.48 -2.00 -8.73
CA CYS C 88 19.15 -1.42 -8.75
C CYS C 88 18.18 -2.60 -8.59
N GLN C 89 16.93 -2.29 -8.32
CA GLN C 89 15.94 -3.34 -8.12
C GLN C 89 14.55 -2.86 -8.51
N GLN C 90 13.72 -3.81 -8.91
CA GLN C 90 12.35 -3.52 -9.28
C GLN C 90 11.51 -4.30 -8.29
N TYR C 91 10.43 -3.69 -7.81
CA TYR C 91 9.54 -4.41 -6.91
C TYR C 91 8.08 -4.14 -7.22
N SER C 92 7.80 -3.94 -8.51
CA SER C 92 6.43 -3.71 -8.97
C SER C 92 5.76 -5.05 -9.33
N SER C 93 6.55 -6.04 -9.71
CA SER C 93 5.99 -7.36 -10.05
C SER C 93 6.88 -8.51 -9.57
N TYR C 94 6.26 -9.54 -9.01
CA TYR C 94 6.99 -10.71 -8.51
C TYR C 94 7.42 -11.63 -9.65
N PRO C 95 8.62 -12.22 -9.54
CA PRO C 95 9.55 -12.06 -8.42
C PRO C 95 10.26 -10.71 -8.53
N LEU C 96 10.78 -10.22 -7.42
CA LEU C 96 11.51 -8.96 -7.41
C LEU C 96 12.80 -9.20 -8.20
N THR C 97 13.28 -8.18 -8.89
CA THR C 97 14.48 -8.33 -9.70
C THR C 97 15.60 -7.36 -9.33
N PHE C 98 16.83 -7.74 -9.66
CA PHE C 98 18.01 -6.92 -9.40
C PHE C 98 18.77 -6.70 -10.71
N GLY C 99 19.44 -5.56 -10.81
CA GLY C 99 20.22 -5.27 -11.99
C GLY C 99 21.51 -6.06 -11.86
N GLY C 100 22.28 -6.15 -12.95
CA GLY C 100 23.53 -6.89 -12.90
C GLY C 100 24.56 -6.23 -12.01
N GLY C 101 24.30 -4.99 -11.63
CA GLY C 101 25.21 -4.26 -10.78
C GLY C 101 26.35 -3.56 -11.50
N THR C 102 26.87 -2.52 -10.87
CA THR C 102 27.98 -1.73 -11.40
C THR C 102 29.08 -1.65 -10.36
N LYS C 103 30.31 -1.95 -10.77
CA LYS C 103 31.43 -1.86 -9.83
C LYS C 103 31.97 -0.46 -10.03
N VAL C 104 32.20 0.26 -8.93
CA VAL C 104 32.75 1.62 -9.02
C VAL C 104 34.12 1.65 -8.35
N GLU C 105 35.13 2.00 -9.15
CA GLU C 105 36.51 2.06 -8.69
C GLU C 105 37.03 3.50 -8.82
N ILE C 106 38.12 3.81 -8.13
CA ILE C 106 38.71 5.15 -8.18
C ILE C 106 40.08 5.21 -8.87
N LYS C 107 40.21 6.18 -9.77
CA LYS C 107 41.45 6.41 -10.50
C LYS C 107 42.09 7.56 -9.74
N ARG C 108 43.36 7.41 -9.39
CA ARG C 108 44.08 8.44 -8.66
C ARG C 108 45.50 8.53 -9.18
N THR C 109 46.31 9.35 -8.51
CA THR C 109 47.69 9.50 -8.93
C THR C 109 48.50 8.28 -8.54
N VAL C 110 49.50 7.98 -9.37
CA VAL C 110 50.40 6.86 -9.15
C VAL C 110 51.01 6.92 -7.77
N ALA C 111 51.39 5.74 -7.26
CA ALA C 111 52.02 5.62 -5.95
C ALA C 111 52.87 4.37 -5.99
N ALA C 112 54.13 4.52 -5.57
CA ALA C 112 55.03 3.37 -5.57
C ALA C 112 54.78 2.54 -4.32
N PRO C 113 54.87 1.21 -4.43
CA PRO C 113 54.64 0.31 -3.30
C PRO C 113 55.77 0.28 -2.29
N SER C 114 55.43 -0.01 -1.04
CA SER C 114 56.44 -0.19 -0.01
C SER C 114 56.45 -1.71 -0.03
N VAL C 115 57.61 -2.32 -0.25
CA VAL C 115 57.68 -3.76 -0.30
C VAL C 115 58.39 -4.30 0.93
N PHE C 116 57.81 -5.32 1.54
CA PHE C 116 58.39 -5.94 2.74
C PHE C 116 58.55 -7.43 2.46
N ILE C 117 59.64 -8.02 2.95
CA ILE C 117 59.88 -9.45 2.74
C ILE C 117 59.82 -10.18 4.08
N PHE C 118 59.06 -11.27 4.11
CA PHE C 118 58.89 -12.08 5.33
C PHE C 118 59.34 -13.53 5.18
N PRO C 119 60.38 -13.91 5.93
CA PRO C 119 60.97 -15.25 5.97
C PRO C 119 60.03 -16.26 6.62
N PRO C 120 60.18 -17.54 6.26
CA PRO C 120 59.37 -18.64 6.79
C PRO C 120 59.63 -18.81 8.29
N SER C 121 58.57 -18.77 9.09
CA SER C 121 58.71 -18.91 10.54
C SER C 121 59.23 -20.30 10.92
N ASP C 122 60.00 -20.36 12.01
CA ASP C 122 60.55 -21.63 12.48
C ASP C 122 59.43 -22.67 12.63
N GLU C 123 58.33 -22.23 13.21
CA GLU C 123 57.17 -23.11 13.44
C GLU C 123 56.77 -23.85 12.17
N GLN C 124 56.60 -23.11 11.08
CA GLN C 124 56.20 -23.74 9.83
C GLN C 124 57.31 -24.67 9.33
N LEU C 125 58.55 -24.36 9.66
CA LEU C 125 59.68 -25.19 9.23
C LEU C 125 59.62 -26.56 9.90
N LYS C 126 58.86 -26.64 10.99
CA LYS C 126 58.68 -27.89 11.74
C LYS C 126 57.58 -28.70 11.05
N SER C 127 57.15 -28.23 9.88
CA SER C 127 56.07 -28.91 9.14
C SER C 127 56.51 -29.50 7.80
N GLY C 128 57.71 -29.16 7.35
CA GLY C 128 58.18 -29.68 6.08
C GLY C 128 57.83 -28.80 4.89
N THR C 129 56.88 -27.90 5.08
CA THR C 129 56.49 -26.98 4.01
C THR C 129 56.96 -25.59 4.42
N ALA C 130 57.50 -24.85 3.47
CA ALA C 130 57.98 -23.50 3.77
C ALA C 130 57.29 -22.44 2.92
N SER C 131 57.12 -21.24 3.48
CA SER C 131 56.47 -20.15 2.77
C SER C 131 57.18 -18.83 2.97
N VAL C 132 57.55 -18.22 1.86
CA VAL C 132 58.22 -16.92 1.91
C VAL C 132 57.19 -15.91 1.46
N VAL C 133 57.05 -14.83 2.22
CA VAL C 133 56.06 -13.83 1.90
C VAL C 133 56.63 -12.44 1.61
N CYS C 134 56.21 -11.89 0.48
CA CYS C 134 56.62 -10.57 0.03
C CYS C 134 55.37 -9.69 -0.02
N LEU C 135 55.45 -8.53 0.63
CA LEU C 135 54.34 -7.58 0.69
C LEU C 135 54.53 -6.25 -0.09
N LEU C 136 53.58 -5.93 -0.95
CA LEU C 136 53.58 -4.66 -1.71
C LEU C 136 52.44 -3.87 -1.06
N ASN C 137 52.80 -2.82 -0.34
CA ASN C 137 51.79 -2.06 0.39
C ASN C 137 51.46 -0.64 -0.11
N ASN C 138 50.17 -0.34 -0.17
CA ASN C 138 49.66 0.98 -0.58
C ASN C 138 50.29 1.59 -1.82
N PHE C 139 49.85 1.13 -3.00
CA PHE C 139 50.41 1.62 -4.24
C PHE C 139 49.31 1.70 -5.30
N TYR C 140 49.60 2.43 -6.38
CA TYR C 140 48.65 2.61 -7.47
C TYR C 140 49.40 2.96 -8.76
N PRO C 141 48.92 2.48 -9.93
CA PRO C 141 47.75 1.64 -10.17
C PRO C 141 47.89 0.22 -9.63
N ARG C 142 46.85 -0.58 -9.84
CA ARG C 142 46.77 -1.96 -9.39
C ARG C 142 47.63 -2.95 -10.17
N GLU C 143 48.05 -2.56 -11.37
CA GLU C 143 48.89 -3.45 -12.18
C GLU C 143 50.29 -3.48 -11.56
N ALA C 144 50.66 -4.63 -11.00
CA ALA C 144 51.97 -4.82 -10.37
C ALA C 144 52.54 -6.16 -10.80
N LYS C 145 53.85 -6.27 -10.80
CA LYS C 145 54.52 -7.49 -11.23
C LYS C 145 55.62 -7.90 -10.25
N VAL C 146 55.45 -9.04 -9.61
CA VAL C 146 56.43 -9.52 -8.65
C VAL C 146 57.30 -10.62 -9.24
N GLN C 147 58.59 -10.54 -8.99
CA GLN C 147 59.55 -11.50 -9.53
C GLN C 147 60.34 -12.21 -8.45
N TRP C 148 59.92 -13.43 -8.08
CA TRP C 148 60.64 -14.19 -7.07
C TRP C 148 61.95 -14.72 -7.62
N LYS C 149 63.01 -14.47 -6.87
CA LYS C 149 64.36 -14.87 -7.26
C LYS C 149 65.01 -15.79 -6.22
N VAL C 150 65.19 -17.05 -6.61
CA VAL C 150 65.83 -18.03 -5.74
C VAL C 150 67.23 -18.26 -6.30
N ASP C 151 68.24 -17.98 -5.48
CA ASP C 151 69.62 -18.13 -5.90
C ASP C 151 69.83 -17.58 -7.30
N ASN C 152 69.23 -16.42 -7.58
CA ASN C 152 69.38 -15.80 -8.87
C ASN C 152 68.75 -16.67 -9.94
N ALA C 153 67.51 -17.06 -9.74
CA ALA C 153 66.80 -17.90 -10.70
C ALA C 153 65.29 -17.74 -10.59
N LEU C 154 64.73 -16.94 -11.48
CA LEU C 154 63.30 -16.69 -11.48
C LEU C 154 62.48 -17.97 -11.59
N GLN C 155 62.14 -18.54 -10.44
CA GLN C 155 61.34 -19.75 -10.43
C GLN C 155 59.88 -19.34 -10.40
N SER C 156 59.19 -19.57 -11.52
CA SER C 156 57.78 -19.20 -11.63
C SER C 156 56.87 -20.42 -11.48
N GLY C 157 55.62 -20.25 -11.91
CA GLY C 157 54.65 -21.31 -11.83
C GLY C 157 54.51 -21.91 -10.44
N ASN C 158 55.17 -21.30 -9.45
CA ASN C 158 55.11 -21.80 -8.09
C ASN C 158 55.05 -20.67 -7.07
N SER C 159 54.05 -19.81 -7.22
CA SER C 159 53.85 -18.66 -6.34
C SER C 159 52.45 -18.13 -6.60
N GLN C 160 51.72 -17.80 -5.53
CA GLN C 160 50.38 -17.28 -5.66
C GLN C 160 50.30 -15.92 -4.98
N GLU C 161 49.65 -14.98 -5.63
CA GLU C 161 49.51 -13.62 -5.10
C GLU C 161 48.05 -13.21 -4.95
N SER C 162 47.80 -12.30 -4.04
CA SER C 162 46.44 -11.83 -3.79
C SER C 162 46.42 -10.31 -3.69
N VAL C 163 45.34 -9.69 -4.18
CA VAL C 163 45.19 -8.23 -4.14
C VAL C 163 44.00 -7.76 -3.30
N THR C 164 44.27 -6.79 -2.42
CA THR C 164 43.22 -6.25 -1.56
C THR C 164 42.30 -5.36 -2.34
N GLU C 165 41.12 -5.11 -1.79
CA GLU C 165 40.15 -4.24 -2.43
C GLU C 165 40.71 -2.83 -2.33
N GLN C 166 40.43 -1.99 -3.32
CA GLN C 166 40.92 -0.62 -3.29
C GLN C 166 40.61 0.00 -1.93
N ASP C 167 41.61 0.67 -1.36
CA ASP C 167 41.51 1.30 -0.06
C ASP C 167 40.47 2.41 0.08
N SER C 168 39.65 2.27 1.10
CA SER C 168 38.57 3.19 1.45
C SER C 168 39.02 4.65 1.60
N LYS C 169 40.31 4.84 1.85
CA LYS C 169 40.85 6.18 2.03
C LYS C 169 41.88 6.57 0.97
N ASP C 170 42.99 5.84 0.91
CA ASP C 170 44.07 6.08 -0.03
C ASP C 170 43.63 5.97 -1.47
N SER C 171 42.78 4.98 -1.74
CA SER C 171 42.32 4.66 -3.08
C SER C 171 43.47 3.80 -3.61
N THR C 172 44.33 3.33 -2.71
CA THR C 172 45.46 2.50 -3.12
C THR C 172 45.16 1.02 -3.01
N TYR C 173 46.14 0.21 -3.40
CA TYR C 173 46.04 -1.24 -3.37
C TYR C 173 47.20 -1.83 -2.61
N SER C 174 47.09 -3.12 -2.28
CA SER C 174 48.16 -3.86 -1.61
C SER C 174 48.18 -5.27 -2.11
N LEU C 175 49.39 -5.81 -2.26
CA LEU C 175 49.55 -7.15 -2.77
C LEU C 175 50.65 -7.92 -2.07
N SER C 176 50.41 -9.21 -1.85
CA SER C 176 51.41 -10.07 -1.25
C SER C 176 51.55 -11.23 -2.22
N SER C 177 52.78 -11.73 -2.39
CA SER C 177 53.03 -12.85 -3.28
C SER C 177 53.65 -13.95 -2.40
N THR C 178 53.09 -15.15 -2.46
CA THR C 178 53.61 -16.25 -1.63
C THR C 178 54.38 -17.33 -2.39
N LEU C 179 55.64 -17.50 -2.01
CA LEU C 179 56.50 -18.51 -2.63
C LEU C 179 56.46 -19.74 -1.69
N THR C 180 55.85 -20.82 -2.16
CA THR C 180 55.74 -22.04 -1.35
C THR C 180 56.70 -23.11 -1.85
N LEU C 181 57.76 -23.37 -1.09
CA LEU C 181 58.74 -24.37 -1.47
C LEU C 181 58.99 -25.44 -0.40
N SER C 182 59.47 -26.60 -0.83
CA SER C 182 59.76 -27.73 0.07
C SER C 182 60.72 -27.34 1.18
N LYS C 183 60.48 -27.81 2.40
CA LYS C 183 61.37 -27.50 3.52
C LYS C 183 62.76 -28.01 3.16
N ALA C 184 62.79 -29.09 2.40
CA ALA C 184 64.05 -29.68 1.96
C ALA C 184 64.73 -28.69 1.01
N ASP C 185 64.03 -28.30 -0.04
CA ASP C 185 64.56 -27.36 -1.01
C ASP C 185 64.84 -25.98 -0.43
N TYR C 186 64.18 -25.65 0.69
CA TYR C 186 64.41 -24.35 1.31
C TYR C 186 65.84 -24.35 1.84
N GLU C 187 66.41 -25.54 1.92
CA GLU C 187 67.78 -25.69 2.43
C GLU C 187 68.80 -25.56 1.29
N LYS C 188 68.58 -26.30 0.22
CA LYS C 188 69.47 -26.26 -0.93
C LYS C 188 69.72 -24.84 -1.41
N HIS C 189 68.73 -23.97 -1.22
CA HIS C 189 68.85 -22.58 -1.64
C HIS C 189 69.23 -21.67 -0.49
N LYS C 190 69.70 -20.47 -0.81
CA LYS C 190 70.10 -19.50 0.22
C LYS C 190 69.63 -18.08 -0.08
N VAL C 191 69.58 -17.71 -1.36
CA VAL C 191 69.15 -16.36 -1.73
C VAL C 191 67.66 -16.30 -2.05
N TYR C 192 66.95 -15.56 -1.22
CA TYR C 192 65.51 -15.37 -1.35
C TYR C 192 65.27 -13.88 -1.58
N ALA C 193 64.90 -13.53 -2.81
CA ALA C 193 64.68 -12.13 -3.14
C ALA C 193 63.36 -11.88 -3.84
N CYS C 194 62.77 -10.73 -3.53
CA CYS C 194 61.52 -10.31 -4.13
C CYS C 194 61.82 -9.07 -4.98
N GLU C 195 61.66 -9.20 -6.29
CA GLU C 195 61.91 -8.10 -7.21
C GLU C 195 60.60 -7.53 -7.72
N VAL C 196 60.33 -6.28 -7.35
CA VAL C 196 59.09 -5.61 -7.73
C VAL C 196 59.16 -4.62 -8.89
N THR C 197 58.18 -4.73 -9.78
CA THR C 197 58.04 -3.87 -10.94
C THR C 197 56.69 -3.22 -10.79
N HIS C 198 56.59 -1.95 -11.20
CA HIS C 198 55.35 -1.18 -11.12
C HIS C 198 55.66 0.23 -11.62
N GLN C 199 54.75 0.79 -12.39
CA GLN C 199 54.91 2.13 -12.95
C GLN C 199 55.49 3.15 -11.97
N GLY C 200 55.23 2.93 -10.68
CA GLY C 200 55.71 3.83 -9.65
C GLY C 200 57.23 3.83 -9.46
N LEU C 201 57.88 2.74 -9.84
CA LEU C 201 59.33 2.63 -9.70
C LEU C 201 60.05 2.70 -11.06
N SER C 202 60.92 3.70 -11.20
CA SER C 202 61.66 3.89 -12.43
C SER C 202 62.44 2.62 -12.72
N SER C 203 62.93 1.98 -11.66
CA SER C 203 63.70 0.74 -11.74
C SER C 203 63.15 -0.21 -10.69
N PRO C 204 63.04 -1.50 -11.04
CA PRO C 204 62.53 -2.50 -10.10
C PRO C 204 63.31 -2.48 -8.80
N VAL C 205 62.61 -2.63 -7.68
CA VAL C 205 63.23 -2.63 -6.36
C VAL C 205 63.24 -4.05 -5.82
N THR C 206 64.19 -4.36 -4.94
CA THR C 206 64.30 -5.70 -4.37
C THR C 206 64.82 -5.68 -2.93
N LYS C 207 64.36 -6.65 -2.14
CA LYS C 207 64.79 -6.82 -0.74
C LYS C 207 64.93 -8.31 -0.43
N SER C 208 65.86 -8.66 0.46
CA SER C 208 66.09 -10.05 0.82
C SER C 208 66.73 -10.24 2.20
N PHE C 209 66.97 -11.49 2.58
CA PHE C 209 67.55 -11.79 3.90
C PHE C 209 68.58 -12.93 3.95
N ASN C 210 69.29 -13.00 5.08
CA ASN C 210 70.33 -14.01 5.31
C ASN C 210 69.97 -14.85 6.54
N ARG C 211 70.31 -16.13 6.52
CA ARG C 211 70.00 -17.01 7.65
C ARG C 211 71.16 -17.84 8.20
N ASN C 212 71.37 -19.04 7.68
CA ASN C 212 72.43 -19.93 8.15
C ASN C 212 73.80 -19.70 7.52
N GLU C 213 73.94 -18.62 6.76
CA GLU C 213 75.20 -18.29 6.09
C GLU C 213 76.06 -17.34 6.93
N GLN D 1 19.11 -1.98 18.92
CA GLN D 1 18.70 -1.69 17.52
C GLN D 1 18.25 -2.97 16.82
N VAL D 2 17.87 -2.87 15.55
CA VAL D 2 17.41 -4.02 14.78
C VAL D 2 18.56 -4.88 14.26
N GLN D 3 18.64 -6.11 14.75
CA GLN D 3 19.69 -7.03 14.35
C GLN D 3 19.08 -8.29 13.74
N LEU D 4 19.73 -8.83 12.72
CA LEU D 4 19.26 -10.07 12.10
C LEU D 4 20.37 -11.09 12.24
N LEU D 5 20.48 -11.69 13.42
CA LEU D 5 21.51 -12.69 13.66
C LEU D 5 21.29 -13.86 12.74
N GLU D 6 22.27 -14.11 11.88
CA GLU D 6 22.16 -15.20 10.94
C GLU D 6 23.28 -16.20 11.20
N SER D 7 23.00 -17.48 10.96
CA SER D 7 23.97 -18.53 11.15
C SER D 7 25.26 -18.20 10.42
N GLY D 8 26.31 -18.94 10.72
CA GLY D 8 27.59 -18.71 10.06
C GLY D 8 27.88 -19.75 9.01
N ALA D 9 29.01 -19.59 8.32
CA ALA D 9 29.43 -20.52 7.28
C ALA D 9 28.91 -21.93 7.54
N GLU D 10 28.52 -22.63 6.47
CA GLU D 10 28.00 -23.98 6.59
C GLU D 10 28.48 -24.79 5.39
N LEU D 11 29.06 -25.96 5.64
CA LEU D 11 29.54 -26.83 4.58
C LEU D 11 28.58 -28.01 4.43
N VAL D 12 27.99 -28.15 3.25
CA VAL D 12 27.04 -29.23 3.00
C VAL D 12 27.45 -30.16 1.86
N LYS D 13 27.32 -31.47 2.10
CA LYS D 13 27.67 -32.47 1.10
C LYS D 13 26.64 -32.54 -0.03
N PRO D 14 27.11 -32.76 -1.27
CA PRO D 14 26.21 -32.85 -2.41
C PRO D 14 25.02 -33.78 -2.16
N GLY D 15 23.83 -33.32 -2.54
CA GLY D 15 22.63 -34.12 -2.32
C GLY D 15 22.03 -33.86 -0.96
N ALA D 16 22.88 -33.51 0.00
CA ALA D 16 22.40 -33.22 1.35
C ALA D 16 21.47 -32.00 1.31
N SER D 17 20.98 -31.61 2.48
CA SER D 17 20.08 -30.48 2.61
C SER D 17 20.48 -29.64 3.81
N VAL D 18 20.33 -28.33 3.70
CA VAL D 18 20.70 -27.45 4.80
C VAL D 18 19.54 -26.55 5.21
N LYS D 19 19.42 -26.32 6.51
CA LYS D 19 18.38 -25.50 7.10
C LYS D 19 18.96 -24.17 7.61
N LEU D 20 18.80 -23.10 6.84
CA LEU D 20 19.33 -21.81 7.28
C LEU D 20 18.38 -21.08 8.23
N SER D 21 18.95 -20.30 9.15
CA SER D 21 18.15 -19.57 10.12
C SER D 21 18.43 -18.07 10.19
N CYS D 22 17.42 -17.31 10.61
CA CYS D 22 17.50 -15.85 10.70
C CYS D 22 16.72 -15.41 11.96
N LYS D 23 17.42 -14.89 12.96
CA LYS D 23 16.78 -14.48 14.22
C LYS D 23 16.55 -12.97 14.31
N ALA D 24 15.27 -12.57 14.37
CA ALA D 24 14.89 -11.17 14.41
C ALA D 24 14.53 -10.62 15.80
N SER D 25 14.97 -9.40 16.06
CA SER D 25 14.70 -8.70 17.32
C SER D 25 14.77 -7.21 17.04
N GLY D 26 14.42 -6.40 18.04
CA GLY D 26 14.45 -4.96 17.84
C GLY D 26 13.17 -4.50 17.18
N TYR D 27 12.32 -5.45 16.81
CA TYR D 27 11.04 -5.14 16.19
C TYR D 27 10.15 -6.37 16.29
N THR D 28 8.84 -6.18 16.09
CA THR D 28 7.90 -7.28 16.17
C THR D 28 8.05 -8.16 14.93
N PHE D 29 8.78 -9.26 15.10
CA PHE D 29 9.04 -10.23 14.04
C PHE D 29 7.87 -10.42 13.07
N THR D 30 6.69 -10.62 13.63
CA THR D 30 5.47 -10.83 12.85
C THR D 30 4.95 -9.62 12.09
N SER D 31 5.55 -8.45 12.32
CA SER D 31 5.10 -7.23 11.66
C SER D 31 5.68 -6.98 10.26
N TYR D 32 6.71 -7.73 9.87
CA TYR D 32 7.31 -7.53 8.56
C TYR D 32 7.61 -8.81 7.78
N TRP D 33 7.41 -8.75 6.47
CA TRP D 33 7.70 -9.87 5.59
C TRP D 33 9.20 -10.10 5.68
N MET D 34 9.64 -11.29 5.29
CA MET D 34 11.06 -11.61 5.35
C MET D 34 11.48 -12.17 4.00
N HIS D 35 12.58 -11.64 3.45
CA HIS D 35 13.09 -12.08 2.15
C HIS D 35 14.42 -12.77 2.34
N TRP D 36 14.76 -13.66 1.41
CA TRP D 36 16.04 -14.35 1.43
C TRP D 36 16.67 -14.15 0.06
N VAL D 37 17.92 -13.69 0.01
CA VAL D 37 18.58 -13.49 -1.27
C VAL D 37 19.86 -14.28 -1.37
N LYS D 38 20.16 -14.72 -2.59
CA LYS D 38 21.36 -15.48 -2.85
C LYS D 38 22.28 -14.60 -3.65
N GLN D 39 23.58 -14.87 -3.56
CA GLN D 39 24.57 -14.10 -4.29
C GLN D 39 25.87 -14.91 -4.41
N ARG D 40 26.18 -15.35 -5.62
CA ARG D 40 27.41 -16.10 -5.84
C ARG D 40 28.55 -15.12 -5.91
N PRO D 41 29.78 -15.60 -5.65
CA PRO D 41 30.97 -14.74 -5.68
C PRO D 41 31.02 -13.94 -6.98
N GLY D 42 31.26 -12.65 -6.87
CA GLY D 42 31.29 -11.80 -8.05
C GLY D 42 30.07 -12.12 -8.88
N ARG D 43 28.90 -11.65 -8.42
CA ARG D 43 27.66 -11.91 -9.14
C ARG D 43 26.55 -10.99 -8.67
N GLY D 44 25.44 -11.01 -9.40
CA GLY D 44 24.30 -10.18 -9.04
C GLY D 44 23.38 -10.93 -8.09
N LEU D 45 22.78 -10.19 -7.17
CA LEU D 45 21.86 -10.75 -6.17
C LEU D 45 20.65 -11.37 -6.85
N GLU D 46 20.07 -12.37 -6.20
CA GLU D 46 18.87 -13.05 -6.71
C GLU D 46 17.88 -13.17 -5.58
N TRP D 47 16.64 -12.76 -5.81
CA TRP D 47 15.61 -12.86 -4.77
C TRP D 47 15.06 -14.29 -4.82
N ILE D 48 14.94 -14.92 -3.65
CA ILE D 48 14.46 -16.30 -3.59
C ILE D 48 12.99 -16.45 -3.22
N GLY D 49 12.55 -15.80 -2.15
CA GLY D 49 11.16 -15.89 -1.74
C GLY D 49 10.90 -15.11 -0.47
N MET D 50 9.65 -15.09 -0.01
CA MET D 50 9.30 -14.38 1.20
C MET D 50 8.20 -15.08 2.00
N ILE D 51 8.05 -14.70 3.27
CA ILE D 51 7.06 -15.32 4.13
C ILE D 51 6.56 -14.37 5.21
N ASP D 52 5.25 -14.26 5.34
CA ASP D 52 4.65 -13.40 6.35
C ASP D 52 4.80 -14.12 7.69
N PRO D 53 5.64 -13.59 8.58
CA PRO D 53 5.86 -14.22 9.90
C PRO D 53 4.55 -14.45 10.67
N ASN D 54 3.57 -13.58 10.47
CA ASN D 54 2.30 -13.70 11.17
C ASN D 54 1.45 -14.83 10.58
N SER D 55 1.49 -14.98 9.26
CA SER D 55 0.73 -16.03 8.59
C SER D 55 1.66 -16.91 7.77
N GLY D 56 1.65 -18.21 8.04
CA GLY D 56 2.51 -19.13 7.31
C GLY D 56 2.58 -18.92 5.81
N GLY D 57 1.69 -18.08 5.29
CA GLY D 57 1.67 -17.80 3.86
C GLY D 57 3.02 -17.35 3.33
N THR D 58 3.28 -17.65 2.06
CA THR D 58 4.55 -17.28 1.44
C THR D 58 4.39 -16.90 -0.03
N LYS D 59 5.53 -16.89 -0.73
CA LYS D 59 5.57 -16.54 -2.15
C LYS D 59 7.00 -16.78 -2.66
N TYR D 60 7.18 -17.79 -3.51
CA TYR D 60 8.50 -18.15 -4.03
C TYR D 60 8.86 -17.64 -5.42
N ASN D 61 10.17 -17.62 -5.70
CA ASN D 61 10.70 -17.22 -7.00
C ASN D 61 10.73 -18.55 -7.75
N GLU D 62 10.34 -18.53 -9.03
CA GLU D 62 10.31 -19.76 -9.81
C GLU D 62 11.60 -20.56 -9.76
N LYS D 63 12.74 -19.93 -9.97
CA LYS D 63 14.02 -20.64 -9.97
C LYS D 63 14.34 -21.50 -8.75
N PHE D 64 13.68 -21.26 -7.64
CA PHE D 64 13.96 -22.01 -6.43
C PHE D 64 12.70 -22.63 -5.84
N LYS D 65 11.59 -22.50 -6.55
CA LYS D 65 10.30 -23.01 -6.10
C LYS D 65 10.46 -24.37 -5.42
N SER D 66 11.05 -25.31 -6.15
CA SER D 66 11.24 -26.66 -5.62
C SER D 66 12.45 -26.74 -4.68
N LYS D 67 13.50 -26.01 -5.04
CA LYS D 67 14.75 -26.02 -4.29
C LYS D 67 14.75 -25.51 -2.85
N ALA D 68 13.86 -24.56 -2.52
CA ALA D 68 13.84 -24.04 -1.15
C ALA D 68 12.47 -23.94 -0.50
N THR D 69 12.46 -24.01 0.83
CA THR D 69 11.24 -23.93 1.62
C THR D 69 11.41 -22.95 2.77
N LEU D 70 10.37 -22.16 3.03
CA LEU D 70 10.41 -21.15 4.09
C LEU D 70 9.37 -21.35 5.18
N THR D 71 9.79 -21.08 6.41
CA THR D 71 8.93 -21.20 7.58
C THR D 71 9.43 -20.28 8.70
N VAL D 72 8.71 -20.29 9.81
CA VAL D 72 9.07 -19.47 10.96
C VAL D 72 8.64 -20.14 12.26
N ASP D 73 9.02 -19.52 13.38
CA ASP D 73 8.66 -20.02 14.69
C ASP D 73 8.32 -18.77 15.50
N LYS D 74 7.05 -18.39 15.43
CA LYS D 74 6.52 -17.22 16.11
C LYS D 74 7.20 -16.83 17.42
N PRO D 75 7.05 -17.65 18.48
CA PRO D 75 7.66 -17.35 19.78
C PRO D 75 9.19 -17.34 19.81
N SER D 76 9.82 -17.87 18.75
CA SER D 76 11.27 -17.91 18.69
C SER D 76 11.86 -16.76 17.84
N ASN D 77 10.98 -16.05 17.14
CA ASN D 77 11.39 -14.91 16.30
C ASN D 77 12.50 -15.32 15.33
N THR D 78 12.35 -16.48 14.70
CA THR D 78 13.37 -16.95 13.76
C THR D 78 12.78 -17.36 12.42
N ALA D 79 13.37 -16.89 11.33
CA ALA D 79 12.90 -17.24 9.99
C ALA D 79 13.81 -18.37 9.50
N TYR D 80 13.21 -19.42 8.99
CA TYR D 80 13.96 -20.57 8.51
C TYR D 80 13.83 -20.86 7.03
N MET D 81 14.96 -21.00 6.34
CA MET D 81 14.97 -21.31 4.92
C MET D 81 15.75 -22.63 4.75
N GLN D 82 15.19 -23.55 3.97
CA GLN D 82 15.86 -24.83 3.75
C GLN D 82 16.12 -25.10 2.27
N LEU D 83 17.26 -25.71 1.98
CA LEU D 83 17.65 -26.00 0.61
C LEU D 83 17.79 -27.51 0.38
N SER D 84 17.17 -28.01 -0.67
CA SER D 84 17.23 -29.44 -0.98
C SER D 84 18.43 -29.73 -1.88
N SER D 85 18.47 -30.96 -2.39
CA SER D 85 19.54 -31.42 -3.29
C SER D 85 20.58 -30.37 -3.60
N LEU D 86 21.45 -30.09 -2.64
CA LEU D 86 22.51 -29.10 -2.81
C LEU D 86 23.56 -29.53 -3.82
N THR D 87 23.71 -28.73 -4.86
CA THR D 87 24.70 -28.98 -5.90
C THR D 87 25.75 -27.90 -5.70
N SER D 88 26.83 -27.94 -6.47
CA SER D 88 27.85 -26.93 -6.34
C SER D 88 27.23 -25.61 -6.79
N GLU D 89 26.32 -25.71 -7.76
CA GLU D 89 25.61 -24.54 -8.28
C GLU D 89 24.92 -23.74 -7.19
N ASP D 90 24.72 -24.39 -6.04
CA ASP D 90 24.06 -23.76 -4.90
C ASP D 90 25.02 -23.09 -3.92
N SER D 91 26.31 -23.13 -4.22
CA SER D 91 27.31 -22.52 -3.33
C SER D 91 27.38 -21.00 -3.47
N ALA D 92 26.92 -20.29 -2.44
CA ALA D 92 26.94 -18.83 -2.45
C ALA D 92 26.54 -18.31 -1.07
N VAL D 93 26.56 -16.99 -0.92
CA VAL D 93 26.18 -16.39 0.36
C VAL D 93 24.67 -16.18 0.41
N TYR D 94 24.08 -16.37 1.57
CA TYR D 94 22.65 -16.16 1.70
C TYR D 94 22.35 -15.12 2.75
N TYR D 95 21.41 -14.23 2.45
CA TYR D 95 21.04 -13.20 3.40
C TYR D 95 19.55 -13.26 3.65
N CYS D 96 19.13 -12.70 4.78
CA CYS D 96 17.72 -12.58 5.07
C CYS D 96 17.60 -11.06 5.19
N THR D 97 16.47 -10.52 4.75
CA THR D 97 16.24 -9.08 4.80
C THR D 97 14.78 -8.90 5.18
N ARG D 98 14.46 -7.78 5.82
CA ARG D 98 13.08 -7.53 6.20
C ARG D 98 12.36 -7.13 4.90
N ARG D 99 11.04 -7.09 4.89
CA ARG D 99 10.31 -6.78 3.66
C ARG D 99 10.77 -5.57 2.83
N ASP D 100 11.19 -4.49 3.50
CA ASP D 100 11.63 -3.29 2.81
C ASP D 100 13.12 -3.27 2.47
N MET D 101 13.81 -4.35 2.81
CA MET D 101 15.24 -4.48 2.58
C MET D 101 16.11 -3.33 3.10
N ASP D 102 15.72 -2.80 4.26
CA ASP D 102 16.47 -1.75 4.91
C ASP D 102 17.42 -2.39 5.93
N TYR D 103 17.03 -3.55 6.46
CA TYR D 103 17.83 -4.30 7.42
C TYR D 103 18.21 -5.66 6.82
N TRP D 104 19.52 -5.98 6.84
CA TRP D 104 20.04 -7.22 6.28
C TRP D 104 20.84 -8.05 7.29
N GLY D 105 20.97 -9.34 7.00
CA GLY D 105 21.75 -10.21 7.87
C GLY D 105 23.17 -10.20 7.36
N ALA D 106 24.11 -10.70 8.15
CA ALA D 106 25.50 -10.73 7.72
C ALA D 106 25.57 -11.73 6.57
N GLY D 107 24.61 -12.65 6.57
CA GLY D 107 24.56 -13.66 5.54
C GLY D 107 25.34 -14.90 5.91
N THR D 108 24.85 -16.05 5.46
CA THR D 108 25.50 -17.33 5.73
C THR D 108 26.21 -17.78 4.47
N THR D 109 27.49 -18.11 4.58
CA THR D 109 28.25 -18.59 3.43
C THR D 109 28.04 -20.10 3.37
N VAL D 110 27.23 -20.55 2.43
CA VAL D 110 26.99 -21.97 2.27
C VAL D 110 27.83 -22.46 1.12
N THR D 111 28.69 -23.44 1.39
CA THR D 111 29.53 -24.00 0.35
C THR D 111 29.20 -25.49 0.18
N VAL D 112 28.80 -25.87 -1.03
CA VAL D 112 28.44 -27.25 -1.33
C VAL D 112 29.65 -28.00 -1.90
N SER D 113 30.08 -29.04 -1.17
CA SER D 113 31.23 -29.83 -1.59
C SER D 113 31.29 -31.14 -0.83
N SER D 114 32.02 -32.09 -1.39
CA SER D 114 32.17 -33.41 -0.78
C SER D 114 33.36 -33.44 0.18
N ALA D 115 34.38 -32.63 -0.11
CA ALA D 115 35.57 -32.58 0.73
C ALA D 115 35.24 -32.41 2.21
N SER D 116 36.25 -32.56 3.06
CA SER D 116 36.06 -32.43 4.48
C SER D 116 36.59 -31.10 5.02
N THR D 117 35.95 -30.61 6.08
CA THR D 117 36.33 -29.37 6.74
C THR D 117 37.71 -29.52 7.38
N LYS D 118 38.54 -28.49 7.28
CA LYS D 118 39.88 -28.54 7.87
C LYS D 118 40.34 -27.20 8.44
N GLY D 119 40.51 -27.15 9.75
CA GLY D 119 40.94 -25.93 10.41
C GLY D 119 42.27 -25.43 9.88
N PRO D 120 42.47 -24.10 9.87
CA PRO D 120 43.67 -23.41 9.40
C PRO D 120 44.83 -23.49 10.39
N SER D 121 46.02 -23.19 9.89
CA SER D 121 47.22 -23.15 10.72
C SER D 121 47.67 -21.71 10.58
N VAL D 122 48.02 -21.08 11.69
CA VAL D 122 48.42 -19.67 11.71
C VAL D 122 49.87 -19.44 12.12
N PHE D 123 50.65 -18.90 11.20
CA PHE D 123 52.07 -18.61 11.42
C PHE D 123 52.30 -17.11 11.37
N PRO D 124 53.19 -16.60 12.22
CA PRO D 124 53.56 -15.17 12.32
C PRO D 124 54.44 -14.61 11.19
N LEU D 125 54.07 -13.45 10.67
CA LEU D 125 54.87 -12.79 9.66
C LEU D 125 55.71 -11.85 10.51
N ALA D 126 56.70 -12.43 11.17
CA ALA D 126 57.58 -11.69 12.07
C ALA D 126 58.08 -10.38 11.48
N PRO D 127 57.71 -9.26 12.10
CA PRO D 127 58.13 -7.93 11.66
C PRO D 127 59.63 -7.76 11.85
N SER D 128 60.16 -6.66 11.33
CA SER D 128 61.59 -6.34 11.45
C SER D 128 62.47 -7.05 10.42
N SER D 129 63.52 -6.35 10.00
CA SER D 129 64.48 -6.88 9.05
C SER D 129 65.81 -6.89 9.76
N LYS D 130 66.21 -5.72 10.24
CA LYS D 130 67.46 -5.51 10.96
C LYS D 130 67.59 -3.99 11.07
N SER D 131 66.73 -3.39 11.88
CA SER D 131 66.73 -1.93 12.08
C SER D 131 66.87 -1.18 10.74
N THR D 132 66.40 -1.81 9.67
CA THR D 132 66.45 -1.21 8.34
C THR D 132 65.04 -1.06 7.76
N SER D 133 64.53 0.17 7.79
CA SER D 133 63.20 0.48 7.26
C SER D 133 63.06 1.98 6.97
N GLY D 134 62.68 2.76 7.98
CA GLY D 134 62.52 4.20 7.79
C GLY D 134 61.42 4.84 8.61
N GLY D 135 61.17 4.30 9.80
CA GLY D 135 60.15 4.85 10.66
C GLY D 135 58.97 3.92 10.90
N THR D 136 58.47 3.32 9.83
CA THR D 136 57.31 2.41 9.90
C THR D 136 57.67 0.95 9.64
N ALA D 137 57.06 0.04 10.41
CA ALA D 137 57.31 -1.39 10.28
C ALA D 137 56.04 -2.16 9.92
N ALA D 138 56.22 -3.36 9.37
CA ALA D 138 55.07 -4.17 8.98
C ALA D 138 55.16 -5.58 9.57
N LEU D 139 54.03 -6.08 10.05
CA LEU D 139 53.95 -7.41 10.63
C LEU D 139 52.62 -8.03 10.22
N GLY D 140 52.39 -9.29 10.58
CA GLY D 140 51.13 -9.93 10.21
C GLY D 140 51.00 -11.41 10.51
N CYS D 141 49.95 -12.00 9.99
CA CYS D 141 49.66 -13.42 10.18
C CYS D 141 49.34 -14.17 8.91
N LEU D 142 49.94 -15.35 8.77
CA LEU D 142 49.76 -16.24 7.65
C LEU D 142 48.78 -17.35 8.06
N VAL D 143 47.60 -17.33 7.48
CA VAL D 143 46.53 -18.27 7.78
C VAL D 143 46.43 -19.31 6.65
N LYS D 144 47.13 -20.44 6.77
CA LYS D 144 47.05 -21.39 5.66
C LYS D 144 46.54 -22.80 5.92
N ASP D 145 46.15 -23.41 4.80
CA ASP D 145 45.61 -24.76 4.76
C ASP D 145 44.34 -24.88 5.56
N TYR D 146 43.27 -24.32 5.02
CA TYR D 146 41.98 -24.41 5.67
C TYR D 146 40.91 -24.54 4.62
N PHE D 147 39.79 -25.17 4.98
CA PHE D 147 38.72 -25.35 4.02
C PHE D 147 37.42 -25.67 4.73
N PRO D 148 36.30 -25.09 4.28
CA PRO D 148 36.16 -24.15 3.16
C PRO D 148 36.23 -22.72 3.70
N GLU D 149 35.95 -21.74 2.86
CA GLU D 149 35.94 -20.35 3.31
C GLU D 149 34.67 -20.23 4.16
N PRO D 150 34.57 -19.17 4.97
CA PRO D 150 35.53 -18.10 5.18
C PRO D 150 36.29 -18.17 6.50
N VAL D 151 37.23 -17.26 6.63
CA VAL D 151 38.08 -17.10 7.81
C VAL D 151 38.11 -15.60 8.11
N THR D 152 37.74 -15.20 9.32
CA THR D 152 37.79 -13.78 9.65
C THR D 152 39.04 -13.55 10.49
N VAL D 153 39.54 -12.33 10.48
CA VAL D 153 40.73 -12.01 11.25
C VAL D 153 40.61 -10.67 11.96
N SER D 154 41.19 -10.60 13.15
CA SER D 154 41.20 -9.38 13.94
C SER D 154 42.59 -9.24 14.49
N TRP D 155 42.89 -8.08 15.04
CA TRP D 155 44.17 -7.87 15.68
C TRP D 155 43.93 -7.29 17.05
N ASN D 156 44.57 -7.88 18.05
CA ASN D 156 44.42 -7.42 19.42
C ASN D 156 42.95 -7.31 19.79
N SER D 157 42.18 -8.32 19.39
CA SER D 157 40.76 -8.39 19.68
C SER D 157 39.92 -7.27 19.12
N GLY D 158 40.34 -6.70 18.00
CA GLY D 158 39.56 -5.62 17.40
C GLY D 158 39.88 -4.24 17.92
N ALA D 159 40.89 -4.11 18.77
CA ALA D 159 41.25 -2.80 19.26
C ALA D 159 42.15 -2.19 18.20
N LEU D 160 42.82 -3.04 17.43
CA LEU D 160 43.73 -2.60 16.37
C LEU D 160 43.10 -2.69 14.99
N THR D 161 42.85 -1.53 14.39
CA THR D 161 42.23 -1.48 13.06
C THR D 161 43.00 -0.60 12.09
N SER D 162 43.90 0.25 12.59
CA SER D 162 44.69 1.14 11.74
C SER D 162 45.78 0.42 10.94
N GLY D 163 45.74 0.58 9.62
CA GLY D 163 46.74 -0.04 8.78
C GLY D 163 46.61 -1.55 8.72
N VAL D 164 45.42 -2.06 9.00
CA VAL D 164 45.19 -3.49 8.95
C VAL D 164 44.65 -3.90 7.59
N HIS D 165 45.43 -4.71 6.87
CA HIS D 165 45.03 -5.19 5.57
C HIS D 165 44.98 -6.70 5.51
N THR D 166 43.79 -7.21 5.20
CA THR D 166 43.53 -8.63 5.11
C THR D 166 43.23 -9.04 3.67
N PHE D 167 44.18 -9.74 3.06
CA PHE D 167 44.06 -10.21 1.66
C PHE D 167 43.02 -11.29 1.43
N PRO D 168 42.46 -11.34 0.21
CA PRO D 168 41.44 -12.34 -0.14
C PRO D 168 42.09 -13.72 -0.06
N ALA D 169 41.27 -14.77 -0.03
CA ALA D 169 41.81 -16.13 0.03
C ALA D 169 42.50 -16.48 -1.30
N VAL D 170 43.44 -17.42 -1.24
CA VAL D 170 44.17 -17.87 -2.41
C VAL D 170 44.10 -19.39 -2.50
N LEU D 171 43.09 -19.91 -3.20
CA LEU D 171 42.91 -21.35 -3.35
C LEU D 171 44.16 -22.04 -3.85
N GLN D 172 44.76 -22.87 -3.01
CA GLN D 172 45.97 -23.58 -3.37
C GLN D 172 45.68 -24.83 -4.21
N SER D 173 46.70 -25.35 -4.87
CA SER D 173 46.54 -26.55 -5.70
C SER D 173 46.25 -27.78 -4.84
N SER D 174 46.53 -27.67 -3.55
CA SER D 174 46.30 -28.77 -2.63
C SER D 174 44.81 -28.86 -2.29
N GLY D 175 44.02 -27.99 -2.92
CA GLY D 175 42.58 -27.97 -2.69
C GLY D 175 42.14 -27.23 -1.45
N LEU D 176 43.08 -26.53 -0.79
CA LEU D 176 42.79 -25.79 0.43
C LEU D 176 43.17 -24.32 0.33
N TYR D 177 42.33 -23.47 0.93
CA TYR D 177 42.52 -22.03 0.93
C TYR D 177 43.63 -21.50 1.84
N SER D 178 44.03 -20.25 1.61
CA SER D 178 45.07 -19.62 2.42
C SER D 178 45.10 -18.12 2.19
N LEU D 179 45.45 -17.36 3.23
CA LEU D 179 45.53 -15.90 3.14
C LEU D 179 46.45 -15.32 4.20
N SER D 180 46.83 -14.06 4.04
CA SER D 180 47.68 -13.40 5.02
C SER D 180 46.98 -12.13 5.47
N SER D 181 47.33 -11.67 6.66
CA SER D 181 46.76 -10.45 7.20
C SER D 181 47.90 -9.68 7.83
N VAL D 182 48.13 -8.47 7.34
CA VAL D 182 49.23 -7.66 7.84
C VAL D 182 48.73 -6.36 8.45
N VAL D 183 49.64 -5.66 9.13
CA VAL D 183 49.33 -4.38 9.75
C VAL D 183 50.59 -3.51 9.80
N THR D 184 50.41 -2.21 9.60
CA THR D 184 51.50 -1.25 9.61
C THR D 184 51.52 -0.52 10.95
N VAL D 185 52.67 -0.47 11.61
CA VAL D 185 52.75 0.18 12.90
C VAL D 185 54.08 0.91 13.06
N PRO D 186 54.13 1.87 14.00
CA PRO D 186 55.37 2.62 14.23
C PRO D 186 56.38 1.59 14.70
N SER D 187 57.54 1.54 14.06
CA SER D 187 58.55 0.56 14.43
C SER D 187 59.13 0.79 15.84
N SER D 188 58.86 1.94 16.42
CA SER D 188 59.35 2.25 17.76
C SER D 188 58.45 1.63 18.83
N SER D 189 57.44 0.87 18.40
CA SER D 189 56.52 0.26 19.36
C SER D 189 56.63 -1.26 19.43
N LEU D 190 57.43 -1.84 18.54
CA LEU D 190 57.61 -3.29 18.50
C LEU D 190 58.03 -3.91 19.82
N GLY D 191 59.01 -3.32 20.49
CA GLY D 191 59.47 -3.88 21.75
C GLY D 191 58.65 -3.52 22.97
N THR D 192 57.56 -2.77 22.80
CA THR D 192 56.78 -2.37 23.96
C THR D 192 55.27 -2.57 23.84
N GLN D 193 54.81 -3.10 22.72
CA GLN D 193 53.37 -3.28 22.54
C GLN D 193 53.10 -4.58 21.79
N THR D 194 52.43 -5.52 22.46
CA THR D 194 52.15 -6.81 21.86
C THR D 194 51.11 -6.81 20.73
N TYR D 195 51.39 -7.63 19.73
CA TYR D 195 50.53 -7.76 18.57
C TYR D 195 50.00 -9.18 18.47
N ILE D 196 48.69 -9.32 18.59
CA ILE D 196 48.04 -10.62 18.51
C ILE D 196 47.06 -10.59 17.35
N CYS D 197 46.96 -11.69 16.62
CA CYS D 197 46.02 -11.78 15.51
C CYS D 197 45.00 -12.84 15.87
N ASN D 198 43.73 -12.52 15.73
CA ASN D 198 42.65 -13.44 16.06
C ASN D 198 42.01 -13.99 14.80
N VAL D 199 42.07 -15.30 14.63
CA VAL D 199 41.48 -15.92 13.44
C VAL D 199 40.32 -16.82 13.83
N ASN D 200 39.21 -16.71 13.10
CA ASN D 200 38.01 -17.52 13.36
C ASN D 200 37.61 -18.30 12.13
N HIS D 201 37.33 -19.58 12.31
CA HIS D 201 36.91 -20.44 11.20
C HIS D 201 35.69 -21.22 11.67
N LYS D 202 34.52 -20.59 11.52
CA LYS D 202 33.24 -21.18 11.93
C LYS D 202 33.03 -22.62 11.44
N PRO D 203 33.43 -22.94 10.20
CA PRO D 203 33.26 -24.29 9.66
C PRO D 203 33.82 -25.37 10.59
N SER D 204 35.02 -25.13 11.11
CA SER D 204 35.66 -26.08 12.01
C SER D 204 35.55 -25.66 13.47
N ASN D 205 34.72 -24.66 13.76
CA ASN D 205 34.55 -24.16 15.13
C ASN D 205 35.93 -23.84 15.72
N THR D 206 36.77 -23.18 14.92
CA THR D 206 38.12 -22.83 15.32
C THR D 206 38.36 -21.35 15.65
N LYS D 207 39.16 -21.10 16.68
CA LYS D 207 39.55 -19.75 17.11
C LYS D 207 41.01 -19.75 17.57
N VAL D 208 41.90 -19.23 16.74
CA VAL D 208 43.31 -19.19 17.12
C VAL D 208 43.75 -17.77 17.42
N ASP D 209 44.65 -17.63 18.37
CA ASP D 209 45.20 -16.33 18.72
C ASP D 209 46.70 -16.55 18.66
N LYS D 210 47.41 -15.74 17.87
CA LYS D 210 48.85 -15.92 17.72
C LYS D 210 49.60 -14.64 18.00
N LYS D 211 50.57 -14.70 18.90
CA LYS D 211 51.36 -13.52 19.25
C LYS D 211 52.47 -13.33 18.23
N ILE D 212 52.46 -12.18 17.56
CA ILE D 212 53.48 -11.89 16.57
C ILE D 212 54.58 -11.19 17.37
N VAL D 213 55.83 -11.56 17.13
CA VAL D 213 56.94 -10.97 17.87
C VAL D 213 58.14 -10.77 16.95
N PRO D 214 58.86 -9.66 17.13
CA PRO D 214 60.05 -9.33 16.33
C PRO D 214 61.20 -10.30 16.60
N LYS D 215 61.16 -11.47 15.96
CA LYS D 215 62.19 -12.50 16.15
C LYS D 215 62.80 -12.50 17.55
N SER D 216 64.11 -12.73 17.62
CA SER D 216 64.82 -12.76 18.89
C SER D 216 66.32 -12.57 18.67
CD CD E . -32.96 -0.85 -19.20
CA CA F . -32.90 0.82 -21.16
MG MG G . -47.78 12.87 -0.24
NA NA H . -29.25 -0.26 -8.24
NA NA I . -45.33 -4.54 11.11
NA NA J . -12.41 -1.34 8.09
C1 MMP K . -6.81 2.44 -5.33
N1 MMP K . -7.86 1.59 -4.62
C11 MMP K . -7.67 0.19 -4.56
C12 MMP K . -8.89 -0.51 -4.92
C13 MMP K . -9.84 0.47 -5.19
C14 MMP K . -9.21 1.76 -5.01
C15 MMP K . -9.87 3.03 -5.18
C16 MMP K . -9.10 -2.06 -4.97
C17 MMP K . -11.27 0.23 -5.60
C18 MMP K . -11.59 -0.08 -6.86
N2 MMP K . -8.88 4.11 -3.17
C21 MMP K . -9.82 4.06 -4.20
C22 MMP K . -10.71 5.21 -4.09
C23 MMP K . -10.29 5.95 -2.98
C24 MMP K . -9.15 5.25 -2.41
C25 MMP K . -8.37 5.65 -1.29
C26 MMP K . -11.90 5.54 -5.03
C27 MMP K . -10.91 7.24 -2.48
C28 MMP K . -11.99 7.21 -1.68
N3 MMP K . -6.71 3.77 -1.18
C31 MMP K . -7.24 4.97 -0.72
C32 MMP K . -6.45 5.45 0.40
C33 MMP K . -5.43 4.53 0.60
C34 MMP K . -5.60 3.48 -0.39
C35 MMP K . -4.76 2.33 -0.54
C36 MMP K . -6.67 6.75 1.21
C37 MMP K . -4.29 4.61 1.69
C38 MMP K . -4.30 3.45 2.72
C39 MMP K . -3.14 3.62 3.67
O31 MMP K . -2.03 2.84 3.54
O32 MMP K . -3.20 4.57 4.66
N4 MMP K . -5.89 1.14 -2.41
C41 MMP K . -4.88 1.26 -1.47
C42 MMP K . -3.96 0.12 -1.59
C43 MMP K . -4.45 -0.67 -2.63
C44 MMP K . -5.66 -0.03 -3.13
C45 MMP K . -6.49 -0.51 -4.18
C46 MMP K . -3.83 -2.00 -3.15
C47 MMP K . -2.67 -0.16 -0.73
C48 MMP K . -3.00 -0.77 0.69
C49 MMP K . -2.85 -2.31 0.74
O41 MMP K . -2.08 -2.88 1.72
O42 MMP K . -3.49 -3.11 -0.17
NA NA L . 46.80 2.39 3.66
NA NA M . 26.36 14.37 0.16
NA NA N . 29.02 1.89 5.46
NA NA O . 21.57 -6.47 -15.70
C1 MMP P . 7.73 1.11 0.37
N1 MMP P . 8.48 0.73 1.65
C11 MMP P . 8.04 1.28 2.89
C12 MMP P . 9.20 1.74 3.64
C13 MMP P . 10.33 1.48 2.88
C14 MMP P . 9.88 0.85 1.65
C15 MMP P . 10.76 0.40 0.61
C16 MMP P . 9.17 2.42 5.04
C17 MMP P . 11.76 1.76 3.26
C18 MMP P . 12.28 3.00 3.25
N2 MMP P . 9.54 -1.72 0.20
C21 MMP P . 10.66 -0.91 0.06
C22 MMP P . 11.66 -1.59 -0.73
C23 MMP P . 11.14 -2.83 -1.06
C24 MMP P . 9.81 -2.89 -0.47
C25 MMP P . 8.90 -3.98 -0.57
C26 MMP P . 13.05 -1.04 -1.13
C27 MMP P . 11.82 -3.91 -1.89
C28 MMP P . 12.40 -4.96 -1.30
N3 MMP P . 6.99 -3.10 0.74
C31 MMP P . 7.59 -4.09 -0.03
C32 MMP P . 6.68 -5.20 -0.20
C33 MMP P . 5.51 -4.88 0.46
C34 MMP P . 5.72 -3.56 1.05
C35 MMP P . 4.75 -2.85 1.82
C36 MMP P . 6.97 -6.50 -1.00
C37 MMP P . 4.21 -5.77 0.54
C38 MMP P . 3.70 -6.03 1.98
C39 MMP P . 2.43 -6.84 1.95
O31 MMP P . 1.31 -6.39 2.62
O32 MMP P . 2.39 -8.03 1.27
N4 MMP P . 6.02 -0.83 2.44
C41 MMP P . 4.88 -1.59 2.44
C42 MMP P . 3.83 -0.92 3.20
C43 MMP P . 4.38 0.28 3.64
C44 MMP P . 5.75 0.33 3.16
C45 MMP P . 6.70 1.37 3.38
C46 MMP P . 3.65 1.35 4.49
C47 MMP P . 2.37 -1.45 3.46
C48 MMP P . 2.36 -2.76 4.32
C49 MMP P . 1.54 -2.60 5.59
O41 MMP P . 0.67 -3.58 5.97
O42 MMP P . 1.69 -1.48 6.39
#